data_8YST
#
_entry.id   8YST
#
_cell.length_a   48.850
_cell.length_b   113.441
_cell.length_c   134.189
_cell.angle_alpha   90.000
_cell.angle_beta   90.000
_cell.angle_gamma   90.000
#
_symmetry.space_group_name_H-M   'P 21 21 21'
#
loop_
_entity.id
_entity.type
_entity.pdbx_description
1 polymer CylI
2 non-polymer 3-oxidanylidenetetradecanal
3 water water
#
_entity_poly.entity_id   1
_entity_poly.type   'polypeptide(L)'
_entity_poly.pdbx_seq_one_letter_code
;MGSSHHHHHHSSGENLYFQGHMTYIVSTSTAFPENYYPQTVLAAALRRFFTVMELDFDLEQIDRFFTNVKIDGRYFALPL
DSLLDPPTWGVSISRGLENSLNLAETAITKLLEKTNVQPQDISLLASVSMTPAIPSLDGRLMNRIPFSSTLKRLPMNGVG
CMGGAFGISRVADYLKAHPKEAAILFAVEISSALWQGSLQANLTSLIRRLPENPSLYSEIIMDIITAALFADGCGAVLMV
GKEHPLAKSGLPQVIDNRSFLVPNTVELMGLDVVDNGFRNILRPEVSDALKQGLRPLINGLLADNNIESENLYRWIVHPG
GPKVIDTVEAEFGLDSQTLQLSRDTLAEVGNISSATVLYMLDKVLSEEQSPPDSYGLIVAMGPGLAQEAILLKW
;
_entity_poly.pdbx_strand_id   A,B
#
# COMPACT_ATOMS: atom_id res chain seq x y z
N MET A 22 -1.91 -12.99 25.15
CA MET A 22 -1.84 -11.96 24.12
C MET A 22 -2.25 -12.52 22.76
N THR A 23 -1.46 -12.24 21.74
CA THR A 23 -1.73 -12.71 20.38
C THR A 23 -0.86 -13.93 20.07
N TYR A 24 -1.47 -14.94 19.46
CA TYR A 24 -0.82 -16.22 19.20
C TYR A 24 -0.58 -16.41 17.71
N ILE A 25 0.61 -16.91 17.39
CA ILE A 25 0.91 -17.38 16.03
C ILE A 25 0.57 -18.86 15.98
N VAL A 26 -0.43 -19.20 15.17
CA VAL A 26 -0.96 -20.57 15.14
C VAL A 26 -0.23 -21.44 14.13
N SER A 27 -0.04 -20.94 12.92
CA SER A 27 0.54 -21.74 11.85
C SER A 27 1.10 -20.83 10.78
N THR A 28 1.86 -21.44 9.86
CA THR A 28 2.51 -20.76 8.76
C THR A 28 2.42 -21.62 7.51
N SER A 29 2.63 -20.99 6.36
CA SER A 29 2.70 -21.70 5.09
C SER A 29 3.53 -20.87 4.12
N THR A 30 3.96 -21.50 3.03
CA THR A 30 4.71 -20.83 1.98
C THR A 30 4.19 -21.27 0.62
N ALA A 31 4.56 -20.51 -0.41
CA ALA A 31 4.22 -20.86 -1.78
C ALA A 31 5.28 -20.29 -2.71
N PHE A 32 5.73 -21.11 -3.67
CA PHE A 32 6.76 -20.71 -4.61
C PHE A 32 6.35 -21.06 -6.02
N PRO A 33 6.89 -20.36 -7.02
CA PRO A 33 6.56 -20.70 -8.42
C PRO A 33 7.19 -22.01 -8.84
N GLU A 34 6.90 -22.46 -10.06
CA GLU A 34 7.33 -23.78 -10.50
C GLU A 34 8.81 -23.85 -10.84
N ASN A 35 9.43 -22.73 -11.20
CA ASN A 35 10.77 -22.74 -11.76
C ASN A 35 11.79 -22.32 -10.71
N TYR A 36 12.66 -23.27 -10.33
CA TYR A 36 13.79 -23.02 -9.46
C TYR A 36 15.06 -22.98 -10.31
N TYR A 37 15.77 -21.85 -10.27
CA TYR A 37 16.95 -21.66 -11.10
C TYR A 37 18.20 -21.69 -10.23
N PRO A 38 19.18 -22.54 -10.53
CA PRO A 38 20.47 -22.45 -9.82
C PRO A 38 21.11 -21.10 -10.06
N GLN A 39 21.85 -20.62 -9.06
CA GLN A 39 22.45 -19.30 -9.15
C GLN A 39 23.45 -19.21 -10.30
N THR A 40 24.15 -20.30 -10.61
CA THR A 40 25.06 -20.31 -11.75
C THR A 40 24.30 -20.12 -13.06
N VAL A 41 23.11 -20.71 -13.17
CA VAL A 41 22.28 -20.53 -14.35
C VAL A 41 21.85 -19.07 -14.50
N LEU A 42 21.44 -18.45 -13.38
CA LEU A 42 21.05 -17.05 -13.43
C LEU A 42 22.25 -16.16 -13.76
N ALA A 43 23.41 -16.45 -13.19
CA ALA A 43 24.62 -15.70 -13.52
C ALA A 43 24.97 -15.86 -14.99
N ALA A 44 24.83 -17.08 -15.52
CA ALA A 44 25.09 -17.32 -16.94
C ALA A 44 24.14 -16.51 -17.82
N ALA A 45 22.87 -16.43 -17.42
CA ALA A 45 21.89 -15.68 -18.21
C ALA A 45 22.26 -14.21 -18.30
N LEU A 46 22.66 -13.60 -17.17
CA LEU A 46 23.04 -12.20 -17.20
C LEU A 46 24.30 -11.97 -18.02
N ARG A 47 25.28 -12.88 -17.93
CA ARG A 47 26.48 -12.77 -18.75
C ARG A 47 26.13 -12.83 -20.23
N ARG A 48 25.20 -13.72 -20.59
CA ARG A 48 24.77 -13.82 -21.98
C ARG A 48 24.19 -12.50 -22.48
N PHE A 49 23.46 -11.78 -21.61
CA PHE A 49 22.96 -10.47 -21.98
C PHE A 49 24.10 -9.50 -22.24
N PHE A 50 25.06 -9.43 -21.32
CA PHE A 50 26.22 -8.57 -21.52
C PHE A 50 26.97 -8.95 -22.80
N THR A 51 27.13 -10.25 -23.04
CA THR A 51 27.90 -10.70 -24.20
C THR A 51 27.19 -10.35 -25.51
N VAL A 52 25.88 -10.59 -25.58
CA VAL A 52 25.14 -10.34 -26.82
C VAL A 52 25.08 -8.85 -27.11
N MET A 53 24.86 -8.03 -26.09
CA MET A 53 24.77 -6.58 -26.27
C MET A 53 26.13 -5.90 -26.35
N GLU A 54 27.22 -6.66 -26.25
CA GLU A 54 28.58 -6.11 -26.34
C GLU A 54 28.79 -4.97 -25.35
N LEU A 55 28.31 -5.18 -24.12
CA LEU A 55 28.48 -4.19 -23.06
C LEU A 55 29.91 -4.28 -22.53
N ASP A 56 30.63 -3.17 -22.57
CA ASP A 56 32.03 -3.14 -22.16
C ASP A 56 32.08 -3.02 -20.64
N PHE A 57 32.16 -4.18 -19.98
CA PHE A 57 32.23 -4.25 -18.53
C PHE A 57 32.79 -5.60 -18.14
N ASP A 58 33.57 -5.62 -17.06
CA ASP A 58 34.21 -6.84 -16.60
C ASP A 58 33.13 -7.89 -16.31
N LEU A 59 33.12 -8.96 -17.10
CA LEU A 59 32.13 -10.02 -16.92
C LEU A 59 32.30 -10.75 -15.60
N GLU A 60 33.47 -10.69 -14.99
CA GLU A 60 33.69 -11.40 -13.73
C GLU A 60 33.14 -10.63 -12.53
N GLN A 61 32.74 -9.37 -12.72
CA GLN A 61 32.00 -8.68 -11.67
C GLN A 61 30.66 -9.35 -11.43
N ILE A 62 30.01 -9.80 -12.49
CA ILE A 62 28.75 -10.53 -12.37
C ILE A 62 28.95 -11.81 -11.58
N ASP A 63 30.01 -12.56 -11.90
CA ASP A 63 30.23 -13.84 -11.24
C ASP A 63 30.53 -13.66 -9.75
N ARG A 64 31.36 -12.68 -9.39
CA ARG A 64 31.69 -12.50 -7.99
C ARG A 64 30.47 -12.11 -7.16
N PHE A 65 29.64 -11.21 -7.66
CA PHE A 65 28.49 -10.78 -6.88
C PHE A 65 27.40 -11.84 -6.83
N PHE A 66 27.20 -12.59 -7.92
CA PHE A 66 26.27 -13.71 -7.84
C PHE A 66 26.80 -14.81 -6.92
N THR A 67 28.12 -14.92 -6.77
CA THR A 67 28.70 -15.91 -5.89
C THR A 67 28.73 -15.42 -4.44
N ASN A 68 29.10 -14.16 -4.23
CA ASN A 68 29.35 -13.65 -2.88
C ASN A 68 28.07 -13.37 -2.09
N VAL A 69 26.91 -13.35 -2.75
CA VAL A 69 25.66 -13.27 -1.99
C VAL A 69 25.34 -14.57 -1.28
N LYS A 70 26.05 -15.65 -1.60
CA LYS A 70 25.90 -16.95 -0.93
C LYS A 70 24.47 -17.48 -1.10
N ILE A 71 24.01 -17.50 -2.34
CA ILE A 71 22.70 -18.02 -2.72
C ILE A 71 22.93 -19.19 -3.68
N ASP A 72 22.30 -20.33 -3.39
CA ASP A 72 22.45 -21.51 -4.23
C ASP A 72 21.45 -21.53 -5.38
N GLY A 73 20.30 -20.90 -5.22
CA GLY A 73 19.31 -20.86 -6.28
C GLY A 73 18.16 -19.96 -5.86
N ARG A 74 17.35 -19.61 -6.86
CA ARG A 74 16.21 -18.72 -6.63
C ARG A 74 15.04 -19.15 -7.48
N TYR A 75 13.83 -18.92 -6.96
CA TYR A 75 12.60 -19.10 -7.70
C TYR A 75 12.28 -17.82 -8.47
N PHE A 76 12.03 -17.96 -9.77
CA PHE A 76 11.55 -16.87 -10.61
C PHE A 76 10.17 -17.24 -11.14
N ALA A 77 9.17 -16.43 -10.79
CA ALA A 77 7.83 -16.66 -11.32
C ALA A 77 7.68 -16.20 -12.76
N LEU A 78 8.39 -15.14 -13.14
CA LEU A 78 8.37 -14.59 -14.49
C LEU A 78 9.48 -15.21 -15.32
N PRO A 79 9.35 -15.23 -16.65
CA PRO A 79 10.25 -16.05 -17.46
C PRO A 79 11.67 -15.50 -17.53
N LEU A 80 12.61 -16.42 -17.72
CA LEU A 80 14.00 -16.11 -18.00
C LEU A 80 14.36 -16.29 -19.47
N ASP A 81 13.51 -16.98 -20.24
CA ASP A 81 13.81 -17.25 -21.64
C ASP A 81 13.87 -15.96 -22.45
N SER A 82 12.99 -14.99 -22.14
CA SER A 82 12.86 -13.76 -22.90
C SER A 82 13.73 -12.64 -22.37
N LEU A 83 14.89 -12.97 -21.79
CA LEU A 83 15.77 -11.95 -21.23
C LEU A 83 16.27 -11.01 -22.32
N LEU A 84 16.64 -11.56 -23.48
CA LEU A 84 17.14 -10.74 -24.57
C LEU A 84 16.03 -10.04 -25.35
N ASP A 85 14.80 -10.55 -25.29
CA ASP A 85 13.65 -9.94 -25.95
C ASP A 85 12.55 -9.75 -24.92
N PRO A 86 12.65 -8.73 -24.06
CA PRO A 86 11.66 -8.53 -23.01
C PRO A 86 10.30 -8.22 -23.60
N PRO A 87 9.22 -8.75 -23.00
CA PRO A 87 7.88 -8.37 -23.44
C PRO A 87 7.52 -6.96 -23.00
N THR A 88 6.32 -6.50 -23.35
CA THR A 88 5.90 -5.16 -22.97
C THR A 88 5.73 -5.07 -21.45
N TRP A 89 5.86 -3.84 -20.94
CA TRP A 89 5.71 -3.65 -19.50
C TRP A 89 4.28 -3.87 -19.04
N GLY A 90 3.30 -3.66 -19.93
CA GLY A 90 1.92 -3.93 -19.57
C GLY A 90 1.67 -5.40 -19.29
N VAL A 91 2.18 -6.28 -20.16
CA VAL A 91 1.98 -7.72 -19.96
C VAL A 91 2.86 -8.26 -18.83
N SER A 92 3.97 -7.58 -18.52
CA SER A 92 4.78 -8.00 -17.37
C SER A 92 4.07 -7.72 -16.06
N ILE A 93 3.43 -6.55 -15.96
CA ILE A 93 2.67 -6.21 -14.76
C ILE A 93 1.51 -7.18 -14.58
N SER A 94 0.79 -7.50 -15.66
CA SER A 94 -0.31 -8.43 -15.57
C SER A 94 0.16 -9.81 -15.13
N ARG A 95 1.30 -10.26 -15.67
CA ARG A 95 1.87 -11.54 -15.24
C ARG A 95 2.28 -11.50 -13.78
N GLY A 96 2.93 -10.42 -13.36
CA GLY A 96 3.31 -10.31 -11.96
C GLY A 96 2.10 -10.26 -11.05
N LEU A 97 1.05 -9.56 -11.46
CA LEU A 97 -0.20 -9.55 -10.71
C LEU A 97 -0.80 -10.95 -10.62
N GLU A 98 -0.85 -11.66 -11.75
CA GLU A 98 -1.46 -12.99 -11.75
C GLU A 98 -0.63 -13.98 -10.95
N ASN A 99 0.70 -13.92 -11.08
CA ASN A 99 1.56 -14.81 -10.29
C ASN A 99 1.46 -14.50 -8.81
N SER A 100 1.39 -13.21 -8.45
CA SER A 100 1.21 -12.85 -7.05
C SER A 100 -0.09 -13.43 -6.49
N LEU A 101 -1.18 -13.32 -7.26
CA LEU A 101 -2.46 -13.88 -6.83
C LEU A 101 -2.37 -15.39 -6.67
N ASN A 102 -1.73 -16.07 -7.62
CA ASN A 102 -1.64 -17.54 -7.55
C ASN A 102 -0.87 -18.00 -6.32
N LEU A 103 0.27 -17.35 -6.04
CA LEU A 103 1.09 -17.75 -4.90
C LEU A 103 0.37 -17.47 -3.58
N ALA A 104 -0.30 -16.32 -3.48
CA ALA A 104 -1.04 -16.01 -2.26
C ALA A 104 -2.20 -16.98 -2.06
N GLU A 105 -2.91 -17.33 -3.13
CA GLU A 105 -4.03 -18.26 -3.00
C GLU A 105 -3.55 -19.62 -2.52
N THR A 106 -2.43 -20.10 -3.07
CA THR A 106 -1.89 -21.40 -2.66
C THR A 106 -1.49 -21.38 -1.19
N ALA A 107 -0.76 -20.34 -0.77
CA ALA A 107 -0.27 -20.27 0.61
C ALA A 107 -1.44 -20.19 1.60
N ILE A 108 -2.43 -19.36 1.30
CA ILE A 108 -3.58 -19.22 2.18
C ILE A 108 -4.36 -20.53 2.26
N THR A 109 -4.56 -21.18 1.11
CA THR A 109 -5.29 -22.45 1.10
C THR A 109 -4.58 -23.51 1.92
N LYS A 110 -3.26 -23.63 1.78
CA LYS A 110 -2.49 -24.56 2.60
C LYS A 110 -2.63 -24.23 4.08
N LEU A 111 -2.59 -22.93 4.41
CA LEU A 111 -2.72 -22.49 5.79
C LEU A 111 -4.08 -22.86 6.36
N LEU A 112 -5.15 -22.59 5.60
CA LEU A 112 -6.49 -22.91 6.06
C LEU A 112 -6.69 -24.42 6.18
N GLU A 113 -6.16 -25.19 5.24
CA GLU A 113 -6.35 -26.64 5.28
C GLU A 113 -5.58 -27.28 6.42
N LYS A 114 -4.34 -26.84 6.67
CA LYS A 114 -3.54 -27.47 7.72
C LYS A 114 -4.05 -27.13 9.11
N THR A 115 -4.77 -26.01 9.26
CA THR A 115 -5.36 -25.63 10.54
C THR A 115 -6.83 -25.99 10.65
N ASN A 116 -7.45 -26.48 9.58
CA ASN A 116 -8.88 -26.83 9.56
C ASN A 116 -9.75 -25.63 9.93
N VAL A 117 -9.48 -24.50 9.29
CA VAL A 117 -10.19 -23.26 9.53
C VAL A 117 -10.90 -22.85 8.24
N GLN A 118 -12.18 -22.53 8.35
CA GLN A 118 -12.94 -22.10 7.18
C GLN A 118 -12.65 -20.64 6.87
N PRO A 119 -12.66 -20.27 5.58
CA PRO A 119 -12.45 -18.85 5.22
C PRO A 119 -13.43 -17.91 5.88
N GLN A 120 -14.70 -18.33 6.02
CA GLN A 120 -15.71 -17.46 6.61
C GLN A 120 -15.45 -17.14 8.06
N ASP A 121 -14.55 -17.88 8.72
CA ASP A 121 -14.23 -17.65 10.13
C ASP A 121 -12.98 -16.79 10.30
N ILE A 122 -12.45 -16.22 9.23
CA ILE A 122 -11.34 -15.27 9.30
C ILE A 122 -11.93 -13.87 9.28
N SER A 123 -11.54 -13.04 10.26
CA SER A 123 -12.07 -11.69 10.36
C SER A 123 -11.24 -10.67 9.59
N LEU A 124 -9.93 -10.88 9.47
CA LEU A 124 -9.02 -9.91 8.89
C LEU A 124 -8.05 -10.61 7.95
N LEU A 125 -7.87 -10.04 6.75
CA LEU A 125 -6.86 -10.51 5.81
C LEU A 125 -5.89 -9.37 5.55
N ALA A 126 -4.64 -9.54 6.01
CA ALA A 126 -3.60 -8.54 5.86
C ALA A 126 -2.64 -8.96 4.75
N SER A 127 -2.17 -7.98 3.98
CA SER A 127 -1.27 -8.25 2.86
C SER A 127 -0.15 -7.22 2.81
N VAL A 128 1.03 -7.67 2.40
CA VAL A 128 2.14 -6.78 2.04
C VAL A 128 2.72 -7.25 0.72
N SER A 129 2.80 -6.33 -0.24
CA SER A 129 3.37 -6.66 -1.53
C SER A 129 3.67 -5.38 -2.28
N MET A 130 4.78 -5.38 -3.01
CA MET A 130 5.14 -4.29 -3.89
C MET A 130 4.53 -4.45 -5.28
N THR A 131 3.90 -5.59 -5.56
CA THR A 131 3.24 -5.79 -6.83
C THR A 131 2.14 -4.74 -7.00
N PRO A 132 2.15 -3.96 -8.08
CA PRO A 132 1.08 -2.97 -8.28
C PRO A 132 -0.27 -3.65 -8.37
N ALA A 133 -1.20 -3.21 -7.52
CA ALA A 133 -2.52 -3.85 -7.42
C ALA A 133 -3.50 -2.84 -6.86
N ILE A 134 -4.32 -2.26 -7.73
CA ILE A 134 -5.44 -1.41 -7.32
C ILE A 134 -6.67 -1.90 -8.07
N PRO A 135 -7.57 -2.68 -7.43
CA PRO A 135 -7.60 -3.05 -6.01
C PRO A 135 -6.48 -3.99 -5.56
N SER A 136 -6.26 -4.02 -4.26
CA SER A 136 -5.15 -4.77 -3.67
C SER A 136 -5.31 -6.27 -3.89
N LEU A 137 -4.23 -7.00 -3.62
CA LEU A 137 -4.23 -8.44 -3.78
C LEU A 137 -5.25 -9.11 -2.87
N ASP A 138 -5.37 -8.61 -1.64
CA ASP A 138 -6.28 -9.23 -0.68
C ASP A 138 -7.73 -9.08 -1.12
N GLY A 139 -8.08 -7.95 -1.73
CA GLY A 139 -9.42 -7.80 -2.28
C GLY A 139 -9.68 -8.75 -3.43
N ARG A 140 -8.72 -8.88 -4.34
CA ARG A 140 -8.91 -9.77 -5.49
C ARG A 140 -9.02 -11.23 -5.05
N LEU A 141 -8.37 -11.59 -3.95
CA LEU A 141 -8.40 -12.97 -3.46
C LEU A 141 -9.78 -13.39 -2.95
N MET A 142 -10.64 -12.45 -2.56
CA MET A 142 -11.95 -12.87 -2.11
C MET A 142 -12.83 -13.42 -3.23
N ASN A 143 -12.43 -13.27 -4.49
CA ASN A 143 -13.10 -13.95 -5.60
C ASN A 143 -12.56 -15.36 -5.84
N ARG A 144 -11.45 -15.73 -5.20
CA ARG A 144 -10.89 -17.07 -5.31
C ARG A 144 -11.10 -17.92 -4.07
N ILE A 145 -11.26 -17.31 -2.90
CA ILE A 145 -11.43 -18.00 -1.64
C ILE A 145 -12.72 -17.48 -1.01
N PRO A 146 -13.64 -18.35 -0.57
CA PRO A 146 -14.94 -17.86 -0.09
C PRO A 146 -14.88 -17.21 1.28
N PHE A 147 -14.13 -16.13 1.39
CA PHE A 147 -14.20 -15.29 2.57
C PHE A 147 -15.57 -14.62 2.64
N SER A 148 -15.96 -14.24 3.86
CA SER A 148 -17.17 -13.44 4.02
C SER A 148 -17.02 -12.12 3.27
N SER A 149 -18.12 -11.66 2.68
CA SER A 149 -18.08 -10.41 1.91
C SER A 149 -17.74 -9.20 2.79
N THR A 150 -17.98 -9.31 4.10
CA THR A 150 -17.62 -8.27 5.06
C THR A 150 -16.25 -8.47 5.67
N LEU A 151 -15.37 -9.23 5.02
CA LEU A 151 -14.02 -9.44 5.52
C LEU A 151 -13.30 -8.10 5.67
N LYS A 152 -12.64 -7.93 6.82
CA LYS A 152 -11.77 -6.78 7.02
C LYS A 152 -10.44 -7.04 6.34
N ARG A 153 -9.88 -5.99 5.73
CA ARG A 153 -8.66 -6.10 4.96
C ARG A 153 -7.63 -5.08 5.45
N LEU A 154 -6.36 -5.46 5.34
CA LEU A 154 -5.25 -4.59 5.73
C LEU A 154 -4.20 -4.64 4.63
N PRO A 155 -4.42 -3.94 3.53
CA PRO A 155 -3.44 -3.93 2.43
C PRO A 155 -2.36 -2.89 2.70
N MET A 156 -1.14 -3.36 2.95
CA MET A 156 -0.04 -2.46 3.20
C MET A 156 0.98 -2.50 2.07
N ASN A 157 1.69 -1.39 1.91
CA ASN A 157 2.73 -1.26 0.90
C ASN A 157 3.72 -0.21 1.40
N GLY A 158 4.71 0.10 0.56
CA GLY A 158 5.70 1.08 0.95
C GLY A 158 6.64 0.62 2.04
N VAL A 159 6.74 -0.68 2.28
CA VAL A 159 7.61 -1.22 3.32
C VAL A 159 8.67 -2.17 2.80
N GLY A 160 8.53 -2.69 1.58
CA GLY A 160 9.60 -3.47 0.97
C GLY A 160 9.95 -4.72 1.77
N CYS A 161 11.26 -4.95 1.94
CA CYS A 161 11.76 -6.16 2.60
C CYS A 161 11.34 -6.26 4.06
N MET A 162 10.94 -5.15 4.68
CA MET A 162 10.45 -5.19 6.05
C MET A 162 9.04 -5.75 6.17
N GLY A 163 8.36 -6.00 5.05
CA GLY A 163 6.91 -6.17 5.08
C GLY A 163 6.44 -7.31 5.95
N GLY A 164 7.11 -8.46 5.88
CA GLY A 164 6.65 -9.62 6.62
C GLY A 164 6.65 -9.38 8.12
N ALA A 165 7.76 -8.87 8.65
CA ALA A 165 7.81 -8.52 10.07
C ALA A 165 6.85 -7.38 10.37
N PHE A 166 6.78 -6.40 9.48
CA PHE A 166 5.87 -5.26 9.68
C PHE A 166 4.42 -5.74 9.77
N GLY A 167 4.02 -6.66 8.89
CA GLY A 167 2.66 -7.13 8.88
C GLY A 167 2.29 -7.88 10.15
N ILE A 168 3.23 -8.66 10.69
CA ILE A 168 2.99 -9.38 11.95
C ILE A 168 2.68 -8.39 13.06
N SER A 169 3.44 -7.30 13.15
CA SER A 169 3.19 -6.30 14.19
C SER A 169 1.82 -5.66 14.03
N ARG A 170 1.44 -5.30 12.81
CA ARG A 170 0.17 -4.59 12.64
C ARG A 170 -1.02 -5.51 12.93
N VAL A 171 -0.93 -6.78 12.51
CA VAL A 171 -1.99 -7.73 12.83
C VAL A 171 -2.05 -7.95 14.34
N ALA A 172 -0.90 -8.05 15.00
CA ALA A 172 -0.88 -8.22 16.43
C ALA A 172 -1.58 -7.07 17.15
N ASP A 173 -1.33 -5.84 16.69
CA ASP A 173 -1.98 -4.68 17.32
C ASP A 173 -3.50 -4.74 17.13
N TYR A 174 -3.96 -5.16 15.94
CA TYR A 174 -5.39 -5.33 15.72
C TYR A 174 -5.96 -6.39 16.63
N LEU A 175 -5.30 -7.54 16.73
CA LEU A 175 -5.83 -8.63 17.54
C LEU A 175 -5.80 -8.33 19.02
N LYS A 176 -5.08 -7.28 19.43
CA LYS A 176 -5.15 -6.85 20.82
C LYS A 176 -6.53 -6.32 21.17
N ALA A 177 -7.22 -5.73 20.20
CA ALA A 177 -8.60 -5.27 20.37
C ALA A 177 -9.64 -6.32 20.05
N HIS A 178 -9.25 -7.43 19.42
CA HIS A 178 -10.19 -8.45 18.97
C HIS A 178 -9.71 -9.82 19.44
N PRO A 179 -9.79 -10.09 20.75
CA PRO A 179 -9.25 -11.35 21.28
C PRO A 179 -9.94 -12.60 20.75
N LYS A 180 -11.17 -12.49 20.26
CA LYS A 180 -11.90 -13.66 19.78
C LYS A 180 -11.60 -14.00 18.33
N GLU A 181 -10.92 -13.14 17.59
CA GLU A 181 -10.88 -13.24 16.15
C GLU A 181 -9.60 -13.91 15.65
N ALA A 182 -9.64 -14.32 14.39
CA ALA A 182 -8.51 -14.91 13.69
C ALA A 182 -8.19 -14.06 12.47
N ALA A 183 -6.90 -13.94 12.17
CA ALA A 183 -6.45 -13.12 11.06
C ALA A 183 -5.38 -13.86 10.27
N ILE A 184 -5.31 -13.56 8.97
CA ILE A 184 -4.30 -14.12 8.08
C ILE A 184 -3.49 -12.96 7.51
N LEU A 185 -2.17 -13.09 7.56
CA LEU A 185 -1.25 -12.20 6.88
C LEU A 185 -0.53 -12.99 5.80
N PHE A 186 -0.36 -12.39 4.62
CA PHE A 186 0.49 -12.99 3.60
C PHE A 186 1.39 -11.92 3.00
N ALA A 187 2.58 -12.36 2.61
CA ALA A 187 3.57 -11.52 1.94
C ALA A 187 3.97 -12.23 0.66
N VAL A 188 4.00 -11.49 -0.45
CA VAL A 188 4.37 -12.07 -1.75
C VAL A 188 5.08 -10.99 -2.55
N GLU A 189 6.22 -11.36 -3.15
CA GLU A 189 6.95 -10.44 -4.01
C GLU A 189 7.42 -11.16 -5.26
N ILE A 190 7.35 -10.47 -6.39
CA ILE A 190 7.87 -11.00 -7.64
C ILE A 190 9.10 -10.19 -8.03
N SER A 191 10.27 -10.59 -7.53
CA SER A 191 11.50 -9.88 -7.85
C SER A 191 11.90 -10.09 -9.30
N SER A 192 11.48 -11.19 -9.92
CA SER A 192 11.83 -11.46 -11.31
C SER A 192 11.18 -10.45 -12.26
N ALA A 193 10.25 -9.62 -11.78
CA ALA A 193 9.72 -8.54 -12.60
C ALA A 193 10.82 -7.60 -13.09
N LEU A 194 11.87 -7.44 -12.29
CA LEU A 194 12.99 -6.59 -12.70
C LEU A 194 13.81 -7.19 -13.82
N TRP A 195 13.67 -8.49 -14.07
CA TRP A 195 14.35 -9.15 -15.18
C TRP A 195 13.55 -9.10 -16.47
N GLN A 196 12.38 -8.46 -16.46
CA GLN A 196 11.55 -8.34 -17.65
C GLN A 196 11.80 -7.05 -18.42
N GLY A 197 12.95 -6.40 -18.21
CA GLY A 197 13.29 -5.21 -18.96
C GLY A 197 14.00 -4.13 -18.16
N SER A 198 13.70 -4.03 -16.87
CA SER A 198 14.22 -2.94 -16.06
C SER A 198 15.74 -3.03 -15.91
N LEU A 199 16.23 -4.20 -15.50
CA LEU A 199 17.68 -4.37 -15.34
C LEU A 199 18.39 -4.31 -16.69
N GLN A 200 17.76 -4.86 -17.73
CA GLN A 200 18.35 -4.82 -19.06
C GLN A 200 18.54 -3.39 -19.54
N ALA A 201 17.49 -2.57 -19.41
CA ALA A 201 17.57 -1.19 -19.89
C ALA A 201 18.57 -0.37 -19.07
N ASN A 202 18.54 -0.51 -17.74
CA ASN A 202 19.39 0.31 -16.88
C ASN A 202 20.86 -0.06 -17.06
N LEU A 203 21.18 -1.36 -17.04
CA LEU A 203 22.57 -1.78 -17.17
C LEU A 203 23.15 -1.38 -18.51
N THR A 204 22.37 -1.50 -19.58
CA THR A 204 22.84 -1.10 -20.90
C THR A 204 23.24 0.37 -20.92
N SER A 205 22.31 1.25 -20.52
CA SER A 205 22.60 2.69 -20.55
C SER A 205 23.75 3.03 -19.62
N LEU A 206 23.78 2.42 -18.42
CA LEU A 206 24.82 2.73 -17.45
C LEU A 206 26.20 2.33 -17.96
N ILE A 207 26.30 1.17 -18.60
CA ILE A 207 27.59 0.70 -19.09
C ILE A 207 28.08 1.56 -20.26
N ARG A 208 27.17 1.96 -21.13
CA ARG A 208 27.54 2.80 -22.27
C ARG A 208 28.14 4.13 -21.82
N ARG A 209 27.57 4.72 -20.76
CA ARG A 209 28.02 6.01 -20.27
C ARG A 209 29.23 5.90 -19.33
N LEU A 210 29.67 4.69 -19.00
CA LEU A 210 30.81 4.55 -18.09
C LEU A 210 32.08 5.22 -18.60
N PRO A 211 32.49 5.08 -19.87
CA PRO A 211 33.67 5.84 -20.32
C PRO A 211 33.51 7.34 -20.20
N GLU A 212 32.31 7.86 -20.48
CA GLU A 212 32.09 9.30 -20.38
C GLU A 212 31.95 9.74 -18.93
N ASN A 213 31.29 8.95 -18.10
CA ASN A 213 31.09 9.28 -16.68
C ASN A 213 31.66 8.15 -15.83
N PRO A 214 32.87 8.32 -15.29
CA PRO A 214 33.45 7.23 -14.48
C PRO A 214 32.68 6.93 -13.21
N SER A 215 31.95 7.91 -12.67
CA SER A 215 31.22 7.72 -11.42
C SER A 215 30.00 6.81 -11.54
N LEU A 216 29.69 6.33 -12.75
CA LEU A 216 28.57 5.44 -12.96
C LEU A 216 28.91 3.98 -12.65
N TYR A 217 30.16 3.69 -12.28
CA TYR A 217 30.53 2.32 -11.96
C TYR A 217 29.74 1.79 -10.78
N SER A 218 29.60 2.60 -9.73
CA SER A 218 28.89 2.17 -8.53
C SER A 218 27.42 1.90 -8.82
N GLU A 219 26.84 2.59 -9.79
CA GLU A 219 25.45 2.34 -10.15
C GLU A 219 25.30 0.99 -10.84
N ILE A 220 26.25 0.63 -11.70
CA ILE A 220 26.22 -0.69 -12.34
C ILE A 220 26.35 -1.78 -11.29
N ILE A 221 27.22 -1.58 -10.29
CA ILE A 221 27.40 -2.57 -9.25
C ILE A 221 26.10 -2.82 -8.51
N MET A 222 25.36 -1.76 -8.19
CA MET A 222 24.14 -1.95 -7.41
C MET A 222 23.09 -2.72 -8.21
N ASP A 223 22.98 -2.47 -9.51
CA ASP A 223 22.06 -3.24 -10.34
C ASP A 223 22.49 -4.70 -10.44
N ILE A 224 23.79 -4.96 -10.55
CA ILE A 224 24.28 -6.34 -10.54
C ILE A 224 23.95 -7.02 -9.22
N ILE A 225 24.15 -6.32 -8.11
CA ILE A 225 23.79 -6.87 -6.81
C ILE A 225 22.29 -7.15 -6.73
N THR A 226 21.49 -6.24 -7.29
CA THR A 226 20.05 -6.47 -7.35
C THR A 226 19.73 -7.75 -8.11
N ALA A 227 20.40 -7.96 -9.25
CA ALA A 227 20.17 -9.16 -10.05
C ALA A 227 20.63 -10.42 -9.33
N ALA A 228 21.64 -10.30 -8.47
CA ALA A 228 22.18 -11.47 -7.78
C ALA A 228 21.37 -11.86 -6.56
N LEU A 229 20.67 -10.90 -5.96
CA LEU A 229 20.15 -11.03 -4.60
C LEU A 229 18.68 -11.47 -4.55
N PHE A 230 17.81 -10.82 -5.30
CA PHE A 230 16.38 -10.86 -5.00
C PHE A 230 15.67 -11.95 -5.78
N ALA A 231 14.66 -12.53 -5.15
CA ALA A 231 13.97 -13.71 -5.67
C ALA A 231 12.47 -13.58 -5.39
N ASP A 232 11.73 -14.60 -5.80
CA ASP A 232 10.27 -14.61 -5.72
C ASP A 232 9.80 -15.62 -4.69
N GLY A 233 8.68 -15.32 -4.05
CA GLY A 233 8.10 -16.27 -3.11
C GLY A 233 6.97 -15.64 -2.32
N CYS A 234 6.30 -16.49 -1.56
CA CYS A 234 5.17 -16.05 -0.75
C CYS A 234 5.16 -16.79 0.59
N GLY A 235 4.77 -16.08 1.64
CA GLY A 235 4.60 -16.68 2.94
C GLY A 235 3.30 -16.19 3.58
N ALA A 236 2.75 -17.03 4.45
CA ALA A 236 1.49 -16.73 5.11
C ALA A 236 1.53 -17.17 6.55
N VAL A 237 0.81 -16.45 7.41
CA VAL A 237 0.75 -16.76 8.83
C VAL A 237 -0.69 -16.59 9.32
N LEU A 238 -1.14 -17.52 10.16
CA LEU A 238 -2.42 -17.43 10.83
C LEU A 238 -2.20 -16.99 12.27
N MET A 239 -2.86 -15.91 12.67
CA MET A 239 -2.73 -15.37 14.02
C MET A 239 -4.11 -15.20 14.64
N VAL A 240 -4.20 -15.44 15.95
CA VAL A 240 -5.47 -15.34 16.65
C VAL A 240 -5.28 -14.59 17.97
N GLY A 241 -6.38 -14.03 18.46
CA GLY A 241 -6.38 -13.42 19.77
C GLY A 241 -6.40 -14.46 20.87
N LYS A 242 -6.30 -13.98 22.12
CA LYS A 242 -6.15 -14.88 23.25
C LYS A 242 -7.40 -15.72 23.48
N GLU A 243 -8.58 -15.19 23.16
CA GLU A 243 -9.84 -15.89 23.43
C GLU A 243 -10.23 -16.86 22.32
N HIS A 244 -9.46 -16.92 21.23
CA HIS A 244 -9.79 -17.82 20.13
C HIS A 244 -9.56 -19.27 20.55
N PRO A 245 -10.38 -20.20 20.04
CA PRO A 245 -10.19 -21.61 20.40
C PRO A 245 -8.82 -22.16 20.06
N LEU A 246 -8.18 -21.67 18.99
CA LEU A 246 -6.88 -22.15 18.60
C LEU A 246 -5.74 -21.61 19.45
N ALA A 247 -6.02 -20.63 20.33
CA ALA A 247 -4.99 -20.00 21.16
C ALA A 247 -4.61 -20.97 22.29
N LYS A 248 -3.83 -21.97 21.94
CA LYS A 248 -3.42 -23.00 22.89
C LYS A 248 -1.99 -22.77 23.35
N SER A 249 -1.69 -23.25 24.55
CA SER A 249 -0.35 -23.11 25.12
C SER A 249 0.66 -23.90 24.29
N GLY A 250 1.88 -23.40 24.25
CA GLY A 250 2.95 -23.97 23.46
C GLY A 250 3.16 -23.30 22.11
N LEU A 251 2.17 -22.56 21.62
CA LEU A 251 2.35 -21.78 20.41
C LEU A 251 3.08 -20.47 20.73
N PRO A 252 3.80 -19.91 19.78
CA PRO A 252 4.50 -18.64 20.04
C PRO A 252 3.51 -17.51 20.29
N GLN A 253 3.76 -16.74 21.34
CA GLN A 253 2.97 -15.56 21.66
C GLN A 253 3.70 -14.32 21.14
N VAL A 254 2.96 -13.40 20.52
CA VAL A 254 3.49 -12.08 20.21
C VAL A 254 3.24 -11.23 21.45
N ILE A 255 4.30 -11.03 22.25
CA ILE A 255 4.10 -10.27 23.48
C ILE A 255 4.36 -8.78 23.30
N ASP A 256 5.22 -8.38 22.35
CA ASP A 256 5.42 -6.96 22.07
C ASP A 256 6.06 -6.81 20.70
N ASN A 257 6.04 -5.58 20.19
CA ASN A 257 6.68 -5.24 18.92
C ASN A 257 7.00 -3.75 18.93
N ARG A 258 7.91 -3.36 18.04
CA ARG A 258 8.32 -1.96 17.99
C ARG A 258 8.91 -1.66 16.61
N SER A 259 8.75 -0.41 16.19
CA SER A 259 9.26 0.11 14.92
C SER A 259 10.34 1.14 15.18
N PHE A 260 11.20 1.34 14.17
CA PHE A 260 12.25 2.35 14.22
C PHE A 260 12.56 2.79 12.81
N LEU A 261 12.67 4.10 12.59
CA LEU A 261 13.05 4.66 11.30
C LEU A 261 14.26 5.55 11.49
N VAL A 262 15.34 5.23 10.79
CA VAL A 262 16.59 5.96 10.92
C VAL A 262 16.47 7.29 10.19
N PRO A 263 16.69 8.42 10.88
CA PRO A 263 16.53 9.72 10.23
C PRO A 263 17.43 9.87 9.02
N ASN A 264 16.86 10.44 7.95
CA ASN A 264 17.62 10.94 6.80
C ASN A 264 18.37 9.82 6.08
N THR A 265 17.67 8.72 5.81
CA THR A 265 18.23 7.59 5.08
C THR A 265 17.29 7.11 3.99
N VAL A 266 16.46 8.02 3.46
CA VAL A 266 15.47 7.65 2.45
C VAL A 266 16.16 7.10 1.21
N GLU A 267 17.26 7.73 0.80
CA GLU A 267 17.91 7.39 -0.46
C GLU A 267 18.70 6.09 -0.39
N LEU A 268 18.82 5.46 0.77
CA LEU A 268 19.66 4.26 0.89
C LEU A 268 18.95 3.00 0.41
N MET A 269 17.64 2.91 0.59
CA MET A 269 16.89 1.72 0.18
C MET A 269 15.49 2.11 -0.27
N GLY A 270 15.00 1.41 -1.29
CA GLY A 270 13.65 1.62 -1.76
C GLY A 270 13.49 1.08 -3.16
N LEU A 271 12.31 1.34 -3.73
CA LEU A 271 11.98 0.97 -5.10
C LEU A 271 11.46 2.19 -5.83
N ASP A 272 12.11 2.55 -6.93
CA ASP A 272 11.78 3.75 -7.69
C ASP A 272 11.13 3.37 -9.02
N VAL A 273 10.16 4.16 -9.44
CA VAL A 273 9.59 4.04 -10.77
C VAL A 273 10.42 4.92 -11.71
N VAL A 274 10.79 4.37 -12.86
CA VAL A 274 11.59 5.11 -13.83
C VAL A 274 11.23 4.67 -15.24
N GLY A 277 10.83 1.21 -16.30
CA GLY A 277 10.23 0.34 -15.31
C GLY A 277 10.63 0.69 -13.89
N PHE A 278 11.03 -0.32 -13.13
CA PHE A 278 11.48 -0.12 -11.76
C PHE A 278 13.01 0.00 -11.70
N ARG A 279 13.49 0.55 -10.59
CA ARG A 279 14.87 0.34 -10.21
C ARG A 279 14.92 0.09 -8.71
N ASN A 280 15.54 -1.02 -8.33
CA ASN A 280 15.73 -1.33 -6.92
C ASN A 280 16.89 -0.51 -6.38
N ILE A 281 16.66 0.15 -5.24
CA ILE A 281 17.68 0.97 -4.60
C ILE A 281 18.21 0.22 -3.39
N LEU A 282 19.51 -0.07 -3.40
CA LEU A 282 20.17 -0.73 -2.27
C LEU A 282 21.61 -0.20 -2.25
N ARG A 283 21.83 0.85 -1.45
CA ARG A 283 23.12 1.51 -1.40
C ARG A 283 24.09 0.74 -0.50
N PRO A 284 25.39 0.83 -0.78
CA PRO A 284 26.37 0.13 0.08
C PRO A 284 26.34 0.59 1.53
N GLU A 285 25.92 1.83 1.79
CA GLU A 285 25.85 2.38 3.14
C GLU A 285 24.72 1.81 3.97
N VAL A 286 23.94 0.88 3.42
CA VAL A 286 22.77 0.35 4.13
C VAL A 286 23.21 -0.34 5.43
N SER A 287 24.18 -1.24 5.34
CA SER A 287 24.56 -2.04 6.50
C SER A 287 25.09 -1.15 7.62
N ASP A 288 25.88 -0.13 7.28
CA ASP A 288 26.39 0.79 8.30
C ASP A 288 25.26 1.62 8.91
N ALA A 289 24.28 2.02 8.10
CA ALA A 289 23.16 2.78 8.62
C ALA A 289 22.28 1.97 9.55
N LEU A 290 22.29 0.63 9.41
CA LEU A 290 21.51 -0.21 10.31
C LEU A 290 21.98 -0.10 11.75
N LYS A 291 23.28 0.12 11.95
CA LYS A 291 23.82 0.20 13.31
C LYS A 291 23.20 1.34 14.10
N GLN A 292 22.74 2.40 13.43
CA GLN A 292 22.14 3.52 14.13
C GLN A 292 20.76 3.19 14.68
N GLY A 293 20.11 2.14 14.17
CA GLY A 293 18.76 1.84 14.59
C GLY A 293 18.58 0.52 15.32
N LEU A 294 19.44 -0.44 15.06
CA LEU A 294 19.23 -1.81 15.55
C LEU A 294 19.23 -1.86 17.08
N ARG A 295 20.32 -1.41 17.70
CA ARG A 295 20.42 -1.56 19.15
C ARG A 295 19.44 -0.63 19.89
N PRO A 296 19.28 0.64 19.49
CA PRO A 296 18.23 1.45 20.15
C PRO A 296 16.85 0.80 20.06
N LEU A 297 16.54 0.17 18.94
CA LEU A 297 15.24 -0.48 18.77
C LEU A 297 15.12 -1.71 19.66
N ILE A 298 16.05 -2.66 19.50
CA ILE A 298 15.89 -3.97 20.13
C ILE A 298 16.11 -3.88 21.64
N ASN A 299 17.17 -3.19 22.06
CA ASN A 299 17.45 -3.12 23.49
C ASN A 299 16.35 -2.35 24.22
N GLY A 300 15.79 -1.32 23.58
CA GLY A 300 14.67 -0.61 24.17
C GLY A 300 13.44 -1.50 24.29
N LEU A 301 13.14 -2.28 23.25
CA LEU A 301 12.00 -3.18 23.28
C LEU A 301 12.15 -4.25 24.36
N LEU A 302 13.34 -4.84 24.46
CA LEU A 302 13.55 -5.92 25.44
C LEU A 302 13.58 -5.39 26.86
N ALA A 303 14.19 -4.21 27.06
CA ALA A 303 14.22 -3.62 28.40
C ALA A 303 12.82 -3.34 28.91
N ASP A 304 11.95 -2.84 28.04
CA ASP A 304 10.56 -2.59 28.42
C ASP A 304 9.80 -3.88 28.71
N ASN A 305 10.34 -5.02 28.33
CA ASN A 305 9.76 -6.32 28.68
C ASN A 305 10.63 -7.08 29.68
N ASN A 306 11.58 -6.40 30.32
CA ASN A 306 12.35 -6.92 31.45
C ASN A 306 13.21 -8.12 31.08
N ILE A 307 13.76 -8.13 29.86
CA ILE A 307 14.73 -9.13 29.44
C ILE A 307 15.86 -8.44 28.68
N GLU A 308 16.98 -9.14 28.57
CA GLU A 308 18.11 -8.71 27.76
C GLU A 308 18.18 -9.55 26.49
N SER A 309 18.95 -9.04 25.51
CA SER A 309 19.12 -9.79 24.26
C SER A 309 19.75 -11.15 24.50
N GLU A 310 20.58 -11.27 25.53
CA GLU A 310 21.19 -12.55 25.86
C GLU A 310 20.16 -13.57 26.34
N ASN A 311 18.97 -13.13 26.77
CA ASN A 311 17.90 -14.05 27.14
C ASN A 311 17.29 -14.74 25.92
N LEU A 312 17.47 -14.17 24.73
CA LEU A 312 16.80 -14.69 23.54
C LEU A 312 17.33 -16.07 23.17
N TYR A 313 16.42 -17.02 22.98
CA TYR A 313 16.83 -18.35 22.54
C TYR A 313 16.97 -18.42 21.03
N ARG A 314 16.13 -17.70 20.29
CA ARG A 314 16.13 -17.79 18.84
C ARG A 314 16.02 -16.42 18.22
N TRP A 315 16.90 -16.13 17.26
CA TRP A 315 16.81 -14.94 16.43
C TRP A 315 16.27 -15.32 15.06
N ILE A 316 15.34 -14.52 14.55
CA ILE A 316 14.81 -14.68 13.19
C ILE A 316 15.03 -13.34 12.50
N VAL A 317 16.16 -13.21 11.79
CA VAL A 317 16.61 -11.94 11.26
C VAL A 317 16.53 -11.99 9.74
N HIS A 318 15.86 -11.01 9.15
CA HIS A 318 15.73 -10.94 7.70
C HIS A 318 17.11 -10.80 7.06
N PRO A 319 17.48 -11.67 6.13
CA PRO A 319 18.79 -11.59 5.47
C PRO A 319 18.78 -10.64 4.28
N GLY A 320 18.90 -9.34 4.57
CA GLY A 320 19.09 -8.38 3.50
C GLY A 320 20.30 -8.67 2.65
N GLY A 321 21.33 -9.25 3.25
CA GLY A 321 22.52 -9.69 2.56
C GLY A 321 23.52 -10.27 3.54
N PRO A 322 24.60 -10.86 3.03
CA PRO A 322 25.64 -11.36 3.94
C PRO A 322 26.22 -10.30 4.85
N LYS A 323 26.30 -9.06 4.36
CA LYS A 323 26.80 -7.95 5.18
C LYS A 323 25.81 -7.58 6.27
N VAL A 324 24.51 -7.63 5.97
CA VAL A 324 23.50 -7.31 6.98
C VAL A 324 23.56 -8.32 8.12
N ILE A 325 23.65 -9.62 7.78
CA ILE A 325 23.72 -10.66 8.81
C ILE A 325 24.94 -10.46 9.70
N ASP A 326 26.09 -10.16 9.09
CA ASP A 326 27.32 -9.95 9.86
C ASP A 326 27.17 -8.76 10.79
N THR A 327 26.54 -7.69 10.32
CA THR A 327 26.39 -6.48 11.14
C THR A 327 25.53 -6.75 12.37
N VAL A 328 24.41 -7.46 12.21
CA VAL A 328 23.58 -7.82 13.36
C VAL A 328 24.38 -8.68 14.32
N GLU A 329 25.14 -9.64 13.79
CA GLU A 329 26.00 -10.49 14.60
C GLU A 329 26.94 -9.66 15.46
N ALA A 330 27.63 -8.69 14.86
CA ALA A 330 28.63 -7.92 15.59
C ALA A 330 27.99 -6.97 16.59
N GLU A 331 26.87 -6.35 16.23
CA GLU A 331 26.24 -5.39 17.12
C GLU A 331 25.80 -6.04 18.43
N PHE A 332 25.36 -7.29 18.38
CA PHE A 332 24.83 -7.96 19.56
C PHE A 332 25.78 -9.01 20.11
N GLY A 333 27.01 -9.08 19.60
CA GLY A 333 27.99 -10.02 20.12
C GLY A 333 27.55 -11.46 20.04
N LEU A 334 26.86 -11.83 18.96
CA LEU A 334 26.31 -13.17 18.83
C LEU A 334 27.37 -14.17 18.38
N ASP A 335 27.11 -15.45 18.68
CA ASP A 335 27.96 -16.51 18.17
C ASP A 335 27.75 -16.68 16.66
N SER A 336 28.72 -17.30 16.00
CA SER A 336 28.71 -17.42 14.56
C SER A 336 27.57 -18.28 14.03
N GLN A 337 26.87 -19.01 14.88
CA GLN A 337 25.77 -19.86 14.44
C GLN A 337 24.40 -19.35 14.89
N THR A 338 24.35 -18.27 15.68
CA THR A 338 23.06 -17.78 16.16
C THR A 338 22.16 -17.32 15.00
N LEU A 339 22.76 -16.77 13.95
CA LEU A 339 22.01 -16.31 12.78
C LEU A 339 22.14 -17.27 11.59
N GLN A 340 22.43 -18.54 11.85
CA GLN A 340 22.59 -19.50 10.76
C GLN A 340 21.33 -19.63 9.92
N LEU A 341 20.16 -19.51 10.55
CA LEU A 341 18.91 -19.61 9.80
C LEU A 341 18.81 -18.53 8.72
N SER A 342 19.35 -17.35 8.99
CA SER A 342 19.39 -16.30 7.96
C SER A 342 20.24 -16.72 6.78
N ARG A 343 21.40 -17.34 7.05
CA ARG A 343 22.31 -17.74 5.98
C ARG A 343 21.75 -18.94 5.21
N ASP A 344 21.18 -19.91 5.92
CA ASP A 344 20.59 -21.06 5.24
C ASP A 344 19.43 -20.65 4.35
N THR A 345 18.58 -19.75 4.84
CA THR A 345 17.46 -19.27 4.03
C THR A 345 17.97 -18.59 2.76
N LEU A 346 18.98 -17.73 2.91
CA LEU A 346 19.54 -17.04 1.74
C LEU A 346 20.06 -18.04 0.72
N ALA A 347 20.74 -19.09 1.18
CA ALA A 347 21.23 -20.11 0.25
C ALA A 347 20.07 -20.83 -0.43
N GLU A 348 19.00 -21.12 0.31
CA GLU A 348 17.93 -21.97 -0.22
C GLU A 348 17.07 -21.23 -1.25
N VAL A 349 16.65 -20.01 -0.94
CA VAL A 349 15.68 -19.29 -1.78
C VAL A 349 16.11 -17.87 -2.08
N GLY A 350 17.30 -17.44 -1.64
CA GLY A 350 17.69 -16.06 -1.89
C GLY A 350 16.92 -15.08 -1.02
N ASN A 351 16.96 -13.81 -1.42
CA ASN A 351 16.24 -12.75 -0.72
C ASN A 351 14.88 -12.61 -1.39
N ILE A 352 13.83 -13.11 -0.73
CA ILE A 352 12.48 -13.05 -1.26
C ILE A 352 11.72 -11.92 -0.59
N SER A 353 12.46 -10.91 -0.14
CA SER A 353 11.91 -9.61 0.28
C SER A 353 10.98 -9.83 1.48
N SER A 354 9.77 -9.26 1.47
CA SER A 354 8.92 -9.28 2.66
C SER A 354 8.57 -10.69 3.10
N ALA A 355 8.59 -11.64 2.17
CA ALA A 355 8.22 -13.02 2.46
C ALA A 355 9.30 -13.78 3.21
N THR A 356 10.52 -13.26 3.28
CA THR A 356 11.65 -14.07 3.76
C THR A 356 11.46 -14.48 5.23
N VAL A 357 11.15 -13.52 6.11
CA VAL A 357 11.01 -13.85 7.52
C VAL A 357 9.85 -14.81 7.76
N LEU A 358 8.80 -14.75 6.91
CA LEU A 358 7.72 -15.72 7.06
C LEU A 358 8.18 -17.12 6.69
N TYR A 359 9.01 -17.23 5.65
CA TYR A 359 9.62 -18.51 5.30
C TYR A 359 10.49 -19.02 6.44
N MET A 360 11.28 -18.13 7.04
CA MET A 360 12.11 -18.53 8.18
C MET A 360 11.26 -18.93 9.39
N LEU A 361 10.20 -18.17 9.68
CA LEU A 361 9.33 -18.54 10.79
C LEU A 361 8.67 -19.89 10.54
N ASP A 362 8.32 -20.16 9.28
CA ASP A 362 7.78 -21.46 8.90
C ASP A 362 8.77 -22.58 9.18
N LYS A 363 10.06 -22.36 8.87
CA LYS A 363 11.06 -23.38 9.18
C LYS A 363 11.15 -23.63 10.68
N VAL A 364 11.08 -22.57 11.48
CA VAL A 364 11.21 -22.70 12.92
C VAL A 364 10.04 -23.49 13.51
N LEU A 365 8.81 -23.15 13.09
CA LEU A 365 7.63 -23.78 13.66
C LEU A 365 7.48 -25.22 13.18
N SER A 366 7.99 -25.55 12.00
CA SER A 366 7.76 -26.86 11.42
C SER A 366 8.91 -27.83 11.61
N GLU A 367 10.15 -27.35 11.74
CA GLU A 367 11.30 -28.22 11.73
C GLU A 367 12.17 -28.16 12.98
N GLU A 368 11.97 -27.19 13.88
CA GLU A 368 12.84 -27.03 15.02
C GLU A 368 12.07 -27.16 16.32
N GLN A 369 12.81 -27.51 17.37
CA GLN A 369 12.28 -27.61 18.73
C GLN A 369 12.50 -26.28 19.44
N SER A 370 11.41 -25.69 19.94
CA SER A 370 11.51 -24.45 20.71
C SER A 370 11.22 -24.75 22.17
N PRO A 371 12.20 -24.60 23.07
CA PRO A 371 11.98 -24.92 24.48
C PRO A 371 10.83 -24.11 25.04
N PRO A 372 10.03 -24.71 25.94
CA PRO A 372 8.92 -23.98 26.54
C PRO A 372 9.39 -22.73 27.27
N ASP A 373 8.62 -21.66 27.13
CA ASP A 373 8.85 -20.37 27.78
C ASP A 373 10.12 -19.67 27.30
N SER A 374 10.68 -20.11 26.18
CA SER A 374 11.84 -19.43 25.63
C SER A 374 11.41 -18.22 24.81
N TYR A 375 12.36 -17.32 24.57
CA TYR A 375 12.10 -16.08 23.85
C TYR A 375 12.69 -16.12 22.46
N GLY A 376 11.96 -15.54 21.51
CA GLY A 376 12.45 -15.37 20.16
C GLY A 376 12.23 -13.93 19.71
N LEU A 377 13.03 -13.52 18.73
CA LEU A 377 12.97 -12.17 18.20
C LEU A 377 12.99 -12.21 16.68
N ILE A 378 11.95 -11.67 16.06
CA ILE A 378 11.91 -11.44 14.62
C ILE A 378 12.44 -10.04 14.36
N VAL A 379 13.40 -9.92 13.44
CA VAL A 379 14.00 -8.64 13.09
C VAL A 379 14.04 -8.52 11.57
N ALA A 380 13.54 -7.40 11.05
CA ALA A 380 13.65 -7.13 9.62
C ALA A 380 13.95 -5.66 9.42
N MET A 381 14.61 -5.36 8.30
CA MET A 381 14.91 -3.99 7.91
C MET A 381 14.55 -3.77 6.46
N GLY A 382 14.11 -2.54 6.16
CA GLY A 382 13.66 -2.23 4.82
C GLY A 382 13.75 -0.75 4.53
N PRO A 383 13.13 -0.33 3.43
CA PRO A 383 13.20 1.08 3.03
C PRO A 383 12.70 2.01 4.12
N GLY A 384 13.31 3.19 4.17
CA GLY A 384 12.92 4.25 5.07
C GLY A 384 14.02 5.12 5.66
N LEU A 385 15.18 4.61 6.08
CA LEU A 385 15.43 3.21 6.43
C LEU A 385 14.68 2.82 7.70
N ALA A 386 14.01 1.68 7.68
CA ALA A 386 13.18 1.27 8.80
C ALA A 386 13.57 -0.13 9.27
N GLN A 387 13.36 -0.37 10.56
CA GLN A 387 13.55 -1.69 11.15
C GLN A 387 12.37 -2.02 12.04
N GLU A 388 12.08 -3.32 12.16
CA GLU A 388 10.96 -3.79 12.93
C GLU A 388 11.42 -4.96 13.79
N ALA A 389 11.00 -4.97 15.04
CA ALA A 389 11.32 -6.06 15.96
C ALA A 389 10.05 -6.58 16.60
N ILE A 390 9.92 -7.90 16.69
CA ILE A 390 8.77 -8.56 17.29
C ILE A 390 9.30 -9.55 18.31
N LEU A 391 8.86 -9.42 19.56
CA LEU A 391 9.30 -10.29 20.63
C LEU A 391 8.32 -11.44 20.78
N LEU A 392 8.82 -12.67 20.72
CA LEU A 392 8.01 -13.87 20.79
C LEU A 392 8.35 -14.64 22.05
N LYS A 393 7.35 -15.34 22.59
CA LYS A 393 7.56 -16.18 23.77
C LYS A 393 6.79 -17.49 23.59
N TRP A 394 7.51 -18.60 23.75
CA TRP A 394 6.88 -19.91 23.73
C TRP A 394 6.43 -20.32 25.12
N MET B 22 -14.60 3.32 22.34
CA MET B 22 -14.81 3.91 21.02
C MET B 22 -13.72 4.94 20.72
N THR B 23 -13.71 5.43 19.49
CA THR B 23 -12.71 6.37 19.01
C THR B 23 -13.35 7.74 18.78
N TYR B 24 -12.61 8.80 19.11
CA TYR B 24 -13.07 10.17 18.94
C TYR B 24 -12.33 10.83 17.78
N ILE B 25 -13.09 11.40 16.86
CA ILE B 25 -12.52 12.23 15.80
C ILE B 25 -12.40 13.65 16.35
N VAL B 26 -11.18 14.13 16.49
CA VAL B 26 -10.93 15.38 17.23
C VAL B 26 -10.88 16.58 16.31
N SER B 27 -10.19 16.47 15.18
CA SER B 27 -10.03 17.61 14.29
C SER B 27 -9.61 17.11 12.92
N THR B 28 -9.66 18.04 11.95
CA THR B 28 -9.34 17.74 10.56
C THR B 28 -8.58 18.90 9.96
N SER B 29 -7.97 18.65 8.80
CA SER B 29 -7.30 19.69 8.04
C SER B 29 -7.23 19.25 6.59
N THR B 30 -7.05 20.21 5.70
CA THR B 30 -6.90 19.94 4.28
C THR B 30 -5.72 20.75 3.75
N ALA B 31 -5.21 20.31 2.61
CA ALA B 31 -4.15 21.04 1.92
C ALA B 31 -4.33 20.86 0.42
N PHE B 32 -4.21 21.95 -0.32
CA PHE B 32 -4.37 21.91 -1.76
C PHE B 32 -3.21 22.64 -2.44
N PRO B 33 -2.88 22.24 -3.67
CA PRO B 33 -1.80 22.93 -4.39
C PRO B 33 -2.19 24.35 -4.76
N GLU B 34 -1.26 25.10 -5.35
CA GLU B 34 -1.49 26.52 -5.59
C GLU B 34 -2.45 26.76 -6.74
N ASN B 35 -2.41 25.92 -7.78
CA ASN B 35 -3.09 26.21 -9.04
C ASN B 35 -4.48 25.59 -9.05
N TYR B 36 -5.50 26.43 -9.02
CA TYR B 36 -6.89 26.02 -9.16
C TYR B 36 -7.35 26.38 -10.56
N TYR B 37 -7.85 25.40 -11.31
CA TYR B 37 -8.28 25.63 -12.68
C TYR B 37 -9.79 25.49 -12.78
N PRO B 38 -10.48 26.46 -13.38
CA PRO B 38 -11.90 26.27 -13.68
C PRO B 38 -12.09 25.08 -14.61
N GLN B 39 -13.22 24.39 -14.44
CA GLN B 39 -13.50 23.22 -15.27
C GLN B 39 -13.58 23.60 -16.75
N THR B 40 -14.03 24.81 -17.06
CA THR B 40 -14.06 25.26 -18.45
C THR B 40 -12.66 25.34 -19.04
N VAL B 41 -11.69 25.77 -18.23
CA VAL B 41 -10.31 25.85 -18.70
C VAL B 41 -9.76 24.44 -18.96
N LEU B 42 -10.03 23.51 -18.05
CA LEU B 42 -9.54 22.15 -18.22
C LEU B 42 -10.16 21.47 -19.44
N ALA B 43 -11.45 21.69 -19.67
CA ALA B 43 -12.08 21.15 -20.88
C ALA B 43 -11.44 21.72 -22.14
N ALA B 44 -11.22 23.05 -22.16
CA ALA B 44 -10.57 23.66 -23.30
C ALA B 44 -9.15 23.13 -23.50
N ALA B 45 -8.45 22.83 -22.40
CA ALA B 45 -7.10 22.26 -22.52
C ALA B 45 -7.15 20.90 -23.22
N LEU B 46 -8.11 20.05 -22.85
CA LEU B 46 -8.23 18.77 -23.52
C LEU B 46 -8.74 18.92 -24.95
N ARG B 47 -9.68 19.84 -25.17
CA ARG B 47 -10.15 20.09 -26.53
C ARG B 47 -8.99 20.52 -27.42
N ARG B 48 -8.13 21.41 -26.93
CA ARG B 48 -7.00 21.86 -27.72
C ARG B 48 -6.06 20.70 -28.06
N PHE B 49 -5.82 19.80 -27.08
CA PHE B 49 -4.99 18.64 -27.34
C PHE B 49 -5.57 17.80 -28.47
N PHE B 50 -6.88 17.55 -28.43
CA PHE B 50 -7.55 16.84 -29.53
C PHE B 50 -7.35 17.57 -30.84
N THR B 51 -7.57 18.90 -30.84
CA THR B 51 -7.56 19.65 -32.08
C THR B 51 -6.15 19.74 -32.68
N VAL B 52 -5.16 20.09 -31.86
CA VAL B 52 -3.79 20.17 -32.37
C VAL B 52 -3.30 18.81 -32.84
N MET B 53 -3.89 17.73 -32.36
CA MET B 53 -3.44 16.39 -32.69
C MET B 53 -4.23 15.81 -33.85
N GLU B 54 -5.24 16.52 -34.33
CA GLU B 54 -6.09 16.10 -35.44
C GLU B 54 -6.73 14.74 -35.16
N LEU B 55 -7.26 14.58 -33.95
CA LEU B 55 -7.92 13.35 -33.55
C LEU B 55 -9.38 13.40 -33.98
N ASP B 56 -9.81 12.39 -34.74
CA ASP B 56 -11.15 12.37 -35.33
C ASP B 56 -12.13 11.89 -34.27
N PHE B 57 -12.53 12.81 -33.41
CA PHE B 57 -13.51 12.53 -32.37
C PHE B 57 -14.32 13.80 -32.10
N ASP B 58 -15.60 13.61 -31.78
CA ASP B 58 -16.50 14.73 -31.55
C ASP B 58 -16.08 15.47 -30.29
N LEU B 59 -15.65 16.72 -30.45
CA LEU B 59 -15.25 17.54 -29.32
C LEU B 59 -16.38 17.79 -28.35
N GLU B 60 -17.63 17.69 -28.80
CA GLU B 60 -18.76 17.94 -27.92
C GLU B 60 -18.87 16.90 -26.80
N GLN B 61 -18.28 15.72 -26.98
CA GLN B 61 -18.27 14.73 -25.91
C GLN B 61 -17.34 15.14 -24.77
N ILE B 62 -16.28 15.89 -25.07
CA ILE B 62 -15.45 16.44 -24.00
C ILE B 62 -16.26 17.43 -23.17
N ASP B 63 -16.94 18.36 -23.84
CA ASP B 63 -17.78 19.33 -23.13
C ASP B 63 -18.91 18.62 -22.39
N ARG B 64 -19.50 17.61 -23.00
CA ARG B 64 -20.61 16.89 -22.38
C ARG B 64 -20.20 16.30 -21.03
N PHE B 65 -19.09 15.55 -21.00
CA PHE B 65 -18.72 14.88 -19.77
C PHE B 65 -18.01 15.81 -18.79
N PHE B 66 -17.31 16.82 -19.28
CA PHE B 66 -16.80 17.83 -18.36
C PHE B 66 -17.92 18.64 -17.72
N THR B 67 -19.06 18.78 -18.43
CA THR B 67 -20.21 19.45 -17.85
C THR B 67 -21.00 18.53 -16.93
N ASN B 68 -21.26 17.30 -17.38
CA ASN B 68 -22.18 16.42 -16.66
C ASN B 68 -21.62 15.91 -15.35
N VAL B 69 -20.31 16.04 -15.11
CA VAL B 69 -19.74 15.61 -13.82
C VAL B 69 -20.03 16.60 -12.70
N LYS B 70 -20.56 17.78 -13.03
CA LYS B 70 -20.97 18.78 -12.04
C LYS B 70 -19.80 19.25 -11.18
N ILE B 71 -18.69 19.58 -11.85
CA ILE B 71 -17.50 20.10 -11.21
C ILE B 71 -17.24 21.50 -11.74
N ASP B 72 -17.03 22.47 -10.84
CA ASP B 72 -16.78 23.84 -11.24
C ASP B 72 -15.30 24.14 -11.44
N GLY B 73 -14.42 23.42 -10.75
CA GLY B 73 -12.99 23.64 -10.89
C GLY B 73 -12.24 22.64 -10.03
N ARG B 74 -10.94 22.51 -10.34
CA ARG B 74 -10.11 21.49 -9.72
C ARG B 74 -8.70 22.02 -9.48
N TYR B 75 -8.09 21.55 -8.40
CA TYR B 75 -6.68 21.80 -8.13
C TYR B 75 -5.82 20.78 -8.87
N PHE B 76 -4.81 21.27 -9.59
CA PHE B 76 -3.82 20.43 -10.24
C PHE B 76 -2.45 20.76 -9.67
N ALA B 77 -1.82 19.78 -9.03
CA ALA B 77 -0.46 20.00 -8.53
C ALA B 77 0.56 19.99 -9.66
N LEU B 78 0.34 19.17 -10.70
CA LEU B 78 1.27 18.98 -11.80
C LEU B 78 0.84 19.83 -13.00
N PRO B 79 1.77 20.19 -13.89
CA PRO B 79 1.49 21.23 -14.89
C PRO B 79 0.43 20.82 -15.90
N LEU B 80 -0.33 21.82 -16.35
CA LEU B 80 -1.31 21.63 -17.40
C LEU B 80 -0.68 21.63 -18.79
N ASP B 81 0.47 22.31 -18.95
CA ASP B 81 1.13 22.39 -20.25
C ASP B 81 1.80 21.08 -20.65
N SER B 82 1.88 20.10 -19.73
CA SER B 82 2.40 18.79 -20.08
C SER B 82 1.49 18.05 -21.05
N LEU B 83 0.27 18.56 -21.28
CA LEU B 83 -0.64 17.94 -22.23
C LEU B 83 -0.03 17.87 -23.62
N LEU B 84 0.60 18.96 -24.07
CA LEU B 84 1.11 19.02 -25.43
C LEU B 84 2.46 18.33 -25.57
N ASP B 85 3.41 18.64 -24.68
CA ASP B 85 4.67 17.92 -24.60
C ASP B 85 4.87 17.40 -23.18
N PRO B 86 4.82 16.09 -22.98
CA PRO B 86 4.89 15.55 -21.62
C PRO B 86 6.34 15.26 -21.23
N PRO B 87 6.67 15.43 -19.95
CA PRO B 87 8.01 15.04 -19.48
C PRO B 87 8.15 13.53 -19.37
N THR B 88 9.29 13.06 -18.88
CA THR B 88 9.52 11.63 -18.76
C THR B 88 8.70 11.03 -17.62
N TRP B 89 8.60 9.70 -17.63
CA TRP B 89 7.89 8.97 -16.58
C TRP B 89 8.47 9.29 -15.20
N GLY B 90 9.78 9.16 -15.06
CA GLY B 90 10.40 9.34 -13.74
C GLY B 90 10.28 10.76 -13.23
N VAL B 91 10.34 11.74 -14.13
CA VAL B 91 10.20 13.14 -13.72
C VAL B 91 8.79 13.38 -13.17
N SER B 92 7.77 12.89 -13.87
CA SER B 92 6.40 13.01 -13.38
C SER B 92 6.21 12.23 -12.09
N ILE B 93 6.83 11.05 -11.99
CA ILE B 93 6.73 10.26 -10.76
C ILE B 93 7.40 11.00 -9.60
N SER B 94 8.57 11.60 -9.85
CA SER B 94 9.23 12.38 -8.83
C SER B 94 8.40 13.58 -8.40
N ARG B 95 7.82 14.29 -9.38
CA ARG B 95 7.00 15.46 -9.07
C ARG B 95 5.77 15.07 -8.25
N GLY B 96 5.10 13.98 -8.63
CA GLY B 96 3.95 13.54 -7.86
C GLY B 96 4.32 13.16 -6.44
N LEU B 97 5.45 12.49 -6.28
CA LEU B 97 5.91 12.12 -4.94
C LEU B 97 6.22 13.35 -4.10
N GLU B 98 6.90 14.34 -4.70
CA GLU B 98 7.26 15.55 -3.97
C GLU B 98 6.03 16.37 -3.60
N ASN B 99 5.08 16.51 -4.54
CA ASN B 99 3.86 17.25 -4.26
C ASN B 99 3.01 16.55 -3.20
N SER B 100 2.94 15.23 -3.23
CA SER B 100 2.20 14.50 -2.20
C SER B 100 2.79 14.75 -0.82
N LEU B 101 4.12 14.71 -0.71
CA LEU B 101 4.76 14.99 0.57
C LEU B 101 4.48 16.42 1.04
N ASN B 102 4.54 17.38 0.12
CA ASN B 102 4.33 18.77 0.49
C ASN B 102 2.91 18.98 1.03
N LEU B 103 1.90 18.45 0.33
CA LEU B 103 0.53 18.60 0.79
C LEU B 103 0.30 17.87 2.10
N ALA B 104 0.84 16.65 2.24
CA ALA B 104 0.66 15.90 3.47
C ALA B 104 1.32 16.63 4.65
N GLU B 105 2.52 17.16 4.44
CA GLU B 105 3.19 17.88 5.52
C GLU B 105 2.38 19.10 5.94
N THR B 106 1.86 19.85 4.97
CA THR B 106 1.06 21.03 5.28
C THR B 106 -0.19 20.65 6.05
N ALA B 107 -0.90 19.61 5.61
CA ALA B 107 -2.12 19.19 6.29
C ALA B 107 -1.83 18.74 7.72
N ILE B 108 -0.77 17.96 7.90
CA ILE B 108 -0.43 17.44 9.23
C ILE B 108 -0.01 18.58 10.16
N THR B 109 0.81 19.50 9.65
CA THR B 109 1.27 20.61 10.47
C THR B 109 0.11 21.50 10.89
N LYS B 110 -0.81 21.79 9.96
CA LYS B 110 -2.00 22.56 10.32
C LYS B 110 -2.83 21.83 11.37
N LEU B 111 -2.96 20.51 11.21
CA LEU B 111 -3.73 19.71 12.17
C LEU B 111 -3.11 19.74 13.55
N LEU B 112 -1.79 19.58 13.64
CA LEU B 112 -1.12 19.60 14.94
C LEU B 112 -1.17 20.97 15.58
N GLU B 113 -1.01 22.03 14.78
CA GLU B 113 -1.05 23.39 15.32
C GLU B 113 -2.43 23.71 15.88
N LYS B 114 -3.49 23.35 15.15
CA LYS B 114 -4.84 23.74 15.58
C LYS B 114 -5.26 22.98 16.83
N THR B 115 -4.72 21.79 17.05
CA THR B 115 -5.04 21.01 18.24
C THR B 115 -4.00 21.16 19.36
N ASN B 116 -2.91 21.89 19.10
CA ASN B 116 -1.83 22.06 20.07
C ASN B 116 -1.32 20.71 20.55
N VAL B 117 -1.09 19.80 19.60
CA VAL B 117 -0.59 18.47 19.87
C VAL B 117 0.83 18.37 19.34
N GLN B 118 1.75 17.92 20.18
CA GLN B 118 3.13 17.73 19.77
C GLN B 118 3.27 16.46 18.92
N PRO B 119 4.09 16.49 17.87
CA PRO B 119 4.26 15.27 17.05
C PRO B 119 4.76 14.08 17.84
N GLN B 120 5.59 14.29 18.86
CA GLN B 120 6.08 13.17 19.66
C GLN B 120 4.97 12.50 20.46
N ASP B 121 3.81 13.15 20.60
CA ASP B 121 2.68 12.58 21.30
C ASP B 121 1.69 11.87 20.37
N ILE B 122 2.04 11.73 19.10
CA ILE B 122 1.26 10.91 18.17
C ILE B 122 1.84 9.50 18.18
N SER B 123 0.98 8.51 18.37
CA SER B 123 1.43 7.13 18.44
C SER B 123 1.42 6.43 17.09
N LEU B 124 0.48 6.78 16.21
CA LEU B 124 0.30 6.09 14.94
C LEU B 124 0.07 7.11 13.84
N LEU B 125 0.77 6.94 12.72
CA LEU B 125 0.58 7.76 11.53
C LEU B 125 0.15 6.84 10.38
N ALA B 126 -1.11 6.95 9.99
CA ALA B 126 -1.68 6.12 8.93
C ALA B 126 -1.80 6.93 7.65
N SER B 127 -1.53 6.29 6.52
CA SER B 127 -1.54 6.97 5.23
C SER B 127 -2.28 6.14 4.18
N VAL B 128 -2.97 6.84 3.28
CA VAL B 128 -3.52 6.24 2.07
C VAL B 128 -3.17 7.13 0.89
N SER B 129 -2.56 6.55 -0.12
CA SER B 129 -2.24 7.29 -1.34
C SER B 129 -1.89 6.29 -2.43
N MET B 130 -2.19 6.68 -3.65
CA MET B 130 -1.89 5.90 -4.83
C MET B 130 -0.57 6.33 -5.47
N THR B 131 0.03 7.41 -4.98
CA THR B 131 1.33 7.86 -5.42
C THR B 131 2.37 6.80 -5.09
N PRO B 132 3.09 6.26 -6.07
CA PRO B 132 4.10 5.24 -5.77
C PRO B 132 5.15 5.79 -4.82
N ALA B 133 5.35 5.09 -3.70
CA ALA B 133 6.29 5.56 -2.67
C ALA B 133 6.78 4.36 -1.88
N ILE B 134 8.03 3.96 -2.15
CA ILE B 134 8.73 2.96 -1.35
C ILE B 134 10.10 3.54 -1.00
N PRO B 135 10.33 4.01 0.23
CA PRO B 135 9.43 3.94 1.40
C PRO B 135 8.18 4.82 1.29
N SER B 136 7.17 4.49 2.10
CA SER B 136 5.88 5.16 2.05
C SER B 136 6.01 6.64 2.41
N LEU B 137 4.94 7.39 2.10
CA LEU B 137 4.93 8.82 2.38
C LEU B 137 5.07 9.10 3.86
N ASP B 138 4.39 8.31 4.70
CA ASP B 138 4.45 8.51 6.14
C ASP B 138 5.86 8.32 6.69
N GLY B 139 6.63 7.42 6.11
CA GLY B 139 8.03 7.29 6.50
C GLY B 139 8.85 8.50 6.12
N ARG B 140 8.63 9.04 4.92
CA ARG B 140 9.40 10.21 4.48
C ARG B 140 9.06 11.45 5.30
N LEU B 141 7.79 11.58 5.71
CA LEU B 141 7.38 12.73 6.51
C LEU B 141 8.06 12.77 7.86
N MET B 142 8.60 11.63 8.30
CA MET B 142 9.27 11.54 9.58
C MET B 142 10.54 12.37 9.60
N ASN B 143 11.08 12.70 8.42
CA ASN B 143 12.23 13.59 8.29
C ASN B 143 11.86 15.06 8.18
N ARG B 144 10.58 15.40 8.08
CA ARG B 144 10.12 16.77 8.05
C ARG B 144 9.41 17.22 9.31
N ILE B 145 8.82 16.30 10.05
CA ILE B 145 8.06 16.60 11.26
C ILE B 145 8.66 15.77 12.39
N PRO B 146 8.99 16.38 13.54
CA PRO B 146 9.73 15.63 14.57
C PRO B 146 8.90 14.59 15.30
N PHE B 147 8.34 13.63 14.56
CA PHE B 147 7.79 12.44 15.20
C PHE B 147 8.90 11.68 15.89
N SER B 148 8.54 10.95 16.95
CA SER B 148 9.53 10.08 17.59
C SER B 148 9.89 8.94 16.65
N SER B 149 11.15 8.51 16.72
CA SER B 149 11.65 7.53 15.75
C SER B 149 10.96 6.18 15.89
N THR B 150 10.24 5.93 16.98
CA THR B 150 9.50 4.69 17.19
C THR B 150 8.03 4.83 16.82
N LEU B 151 7.69 5.85 16.04
CA LEU B 151 6.32 6.04 15.58
C LEU B 151 5.80 4.81 14.86
N LYS B 152 4.58 4.40 15.19
CA LYS B 152 3.91 3.33 14.45
C LYS B 152 3.29 3.90 13.19
N ARG B 153 3.43 3.16 12.09
CA ARG B 153 2.95 3.61 10.79
C ARG B 153 1.98 2.59 10.21
N LEU B 154 1.03 3.08 9.43
CA LEU B 154 0.06 2.21 8.75
C LEU B 154 -0.10 2.69 7.31
N PRO B 155 0.83 2.34 6.43
CA PRO B 155 0.75 2.77 5.04
C PRO B 155 -0.14 1.84 4.24
N MET B 156 -1.28 2.35 3.80
CA MET B 156 -2.25 1.56 3.08
C MET B 156 -2.29 1.95 1.61
N ASN B 157 -2.62 0.98 0.76
CA ASN B 157 -2.71 1.19 -0.67
C ASN B 157 -3.68 0.17 -1.25
N GLY B 158 -3.91 0.27 -2.55
CA GLY B 158 -4.84 -0.64 -3.20
C GLY B 158 -6.29 -0.41 -2.87
N VAL B 159 -6.62 0.75 -2.32
CA VAL B 159 -8.00 1.06 -1.94
C VAL B 159 -8.60 2.21 -2.73
N GLY B 160 -7.79 3.03 -3.40
CA GLY B 160 -8.32 4.05 -4.29
C GLY B 160 -9.25 5.04 -3.59
N CYS B 161 -10.37 5.34 -4.24
CA CYS B 161 -11.27 6.40 -3.78
C CYS B 161 -11.83 6.13 -2.38
N MET B 162 -11.87 4.88 -1.97
CA MET B 162 -12.45 4.51 -0.68
C MET B 162 -11.47 4.69 0.48
N GLY B 163 -10.21 5.04 0.18
CA GLY B 163 -9.16 5.00 1.20
C GLY B 163 -9.39 5.92 2.38
N GLY B 164 -10.02 7.07 2.16
CA GLY B 164 -10.28 7.98 3.28
C GLY B 164 -11.15 7.35 4.35
N ALA B 165 -12.30 6.80 3.95
CA ALA B 165 -13.16 6.11 4.91
C ALA B 165 -12.52 4.81 5.39
N PHE B 166 -11.82 4.12 4.49
CA PHE B 166 -11.13 2.89 4.86
C PHE B 166 -10.12 3.15 5.97
N GLY B 167 -9.34 4.22 5.85
CA GLY B 167 -8.34 4.53 6.87
C GLY B 167 -8.95 4.86 8.22
N ILE B 168 -10.07 5.60 8.22
CA ILE B 168 -10.73 5.91 9.48
C ILE B 168 -11.12 4.63 10.20
N SER B 169 -11.66 3.66 9.45
CA SER B 169 -12.06 2.39 10.07
C SER B 169 -10.85 1.65 10.64
N ARG B 170 -9.76 1.58 9.89
CA ARG B 170 -8.60 0.82 10.37
C ARG B 170 -7.98 1.48 11.59
N VAL B 171 -7.91 2.81 11.60
CA VAL B 171 -7.38 3.52 12.77
C VAL B 171 -8.29 3.34 13.97
N ALA B 172 -9.61 3.40 13.75
CA ALA B 172 -10.55 3.20 14.85
C ALA B 172 -10.38 1.82 15.47
N ASP B 173 -10.18 0.80 14.63
CA ASP B 173 -9.96 -0.56 15.15
C ASP B 173 -8.68 -0.62 15.98
N TYR B 174 -7.64 0.12 15.58
CA TYR B 174 -6.41 0.17 16.36
C TYR B 174 -6.65 0.83 17.71
N LEU B 175 -7.31 1.99 17.70
CA LEU B 175 -7.51 2.75 18.93
C LEU B 175 -8.47 2.05 19.89
N LYS B 176 -9.22 1.05 19.42
CA LYS B 176 -9.99 0.21 20.34
C LYS B 176 -9.09 -0.43 21.39
N ALA B 177 -7.89 -0.85 21.00
CA ALA B 177 -6.94 -1.48 21.90
C ALA B 177 -5.98 -0.50 22.54
N HIS B 178 -6.09 0.79 22.25
CA HIS B 178 -5.16 1.80 22.74
C HIS B 178 -5.94 3.05 23.12
N PRO B 179 -6.68 3.00 24.23
CA PRO B 179 -7.56 4.11 24.58
C PRO B 179 -6.85 5.40 24.94
N LYS B 180 -5.55 5.36 25.24
CA LYS B 180 -4.82 6.55 25.65
C LYS B 180 -4.08 7.23 24.50
N GLU B 181 -4.08 6.64 23.31
CA GLU B 181 -3.21 7.06 22.23
C GLU B 181 -3.91 8.02 21.27
N ALA B 182 -3.10 8.74 20.50
CA ALA B 182 -3.57 9.61 19.43
C ALA B 182 -2.98 9.14 18.11
N ALA B 183 -3.77 9.26 17.05
CA ALA B 183 -3.35 8.85 15.73
C ALA B 183 -3.73 9.90 14.71
N ILE B 184 -2.92 10.03 13.67
CA ILE B 184 -3.20 10.91 12.54
C ILE B 184 -3.35 10.04 11.31
N LEU B 185 -4.39 10.30 10.53
CA LEU B 185 -4.59 9.70 9.22
C LEU B 185 -4.56 10.81 8.18
N PHE B 186 -3.82 10.60 7.10
CA PHE B 186 -3.88 11.52 5.97
C PHE B 186 -4.08 10.75 4.67
N ALA B 187 -4.77 11.41 3.74
CA ALA B 187 -5.01 10.92 2.39
C ALA B 187 -4.60 12.01 1.41
N VAL B 188 -3.78 11.65 0.43
CA VAL B 188 -3.36 12.61 -0.59
C VAL B 188 -3.32 11.89 -1.94
N GLU B 189 -3.87 12.53 -2.97
CA GLU B 189 -3.85 11.96 -4.31
C GLU B 189 -3.47 13.04 -5.31
N ILE B 190 -2.71 12.67 -6.33
CA ILE B 190 -2.33 13.59 -7.40
C ILE B 190 -2.94 13.03 -8.69
N SER B 191 -4.21 13.36 -8.94
CA SER B 191 -4.84 12.90 -10.17
C SER B 191 -4.24 13.55 -11.40
N SER B 192 -3.63 14.72 -11.24
CA SER B 192 -3.04 15.41 -12.39
C SER B 192 -1.85 14.65 -12.96
N ALA B 193 -1.35 13.62 -12.28
CA ALA B 193 -0.32 12.78 -12.87
C ALA B 193 -0.82 12.10 -14.16
N LEU B 194 -2.12 11.83 -14.24
CA LEU B 194 -2.68 11.21 -15.44
C LEU B 194 -2.61 12.14 -16.64
N TRP B 195 -2.57 13.46 -16.41
CA TRP B 195 -2.45 14.44 -17.49
C TRP B 195 -1.01 14.63 -17.95
N GLN B 196 -0.05 13.93 -17.36
CA GLN B 196 1.36 14.07 -17.67
C GLN B 196 1.83 13.14 -18.77
N GLY B 197 0.91 12.48 -19.48
CA GLY B 197 1.30 11.63 -20.59
C GLY B 197 0.43 10.40 -20.77
N SER B 198 -0.15 9.89 -19.69
CA SER B 198 -0.94 8.68 -19.77
C SER B 198 -2.24 8.91 -20.56
N LEU B 199 -2.98 9.96 -20.21
CA LEU B 199 -4.22 10.24 -20.90
C LEU B 199 -3.97 10.61 -22.37
N GLN B 200 -2.90 11.38 -22.62
CA GLN B 200 -2.58 11.79 -23.99
C GLN B 200 -2.28 10.60 -24.87
N ALA B 201 -1.38 9.71 -24.42
CA ALA B 201 -0.99 8.57 -25.25
C ALA B 201 -2.17 7.65 -25.50
N ASN B 202 -2.99 7.40 -24.48
CA ASN B 202 -4.06 6.41 -24.64
C ASN B 202 -5.19 6.96 -25.51
N LEU B 203 -5.61 8.20 -25.30
CA LEU B 203 -6.68 8.77 -26.11
C LEU B 203 -6.28 8.84 -27.57
N THR B 204 -5.01 9.15 -27.83
CA THR B 204 -4.53 9.21 -29.21
C THR B 204 -4.60 7.83 -29.87
N SER B 205 -4.11 6.80 -29.18
CA SER B 205 -4.11 5.46 -29.74
C SER B 205 -5.54 4.95 -29.95
N LEU B 206 -6.40 5.16 -28.96
CA LEU B 206 -7.77 4.66 -29.04
C LEU B 206 -8.54 5.32 -30.18
N ILE B 207 -8.39 6.63 -30.33
CA ILE B 207 -9.14 7.35 -31.37
C ILE B 207 -8.64 6.97 -32.76
N ARG B 208 -7.33 6.81 -32.91
CA ARG B 208 -6.77 6.48 -34.22
C ARG B 208 -7.07 5.03 -34.62
N ARG B 209 -7.21 4.14 -33.63
CA ARG B 209 -7.64 2.77 -33.92
C ARG B 209 -9.15 2.63 -33.95
N LEU B 210 -9.90 3.67 -33.56
CA LEU B 210 -11.35 3.59 -33.55
C LEU B 210 -11.97 3.26 -34.90
N PRO B 211 -11.53 3.83 -36.04
CA PRO B 211 -12.21 3.51 -37.31
C PRO B 211 -12.20 2.03 -37.65
N GLU B 212 -11.20 1.28 -37.21
CA GLU B 212 -11.12 -0.14 -37.56
C GLU B 212 -11.89 -1.05 -36.62
N ASN B 213 -12.28 -0.57 -35.44
CA ASN B 213 -13.19 -1.33 -34.59
C ASN B 213 -13.96 -0.40 -33.68
N PRO B 214 -15.28 -0.33 -33.83
CA PRO B 214 -16.08 0.61 -33.02
C PRO B 214 -16.15 0.26 -31.54
N SER B 215 -15.66 -0.92 -31.13
CA SER B 215 -15.73 -1.31 -29.73
C SER B 215 -14.89 -0.43 -28.83
N LEU B 216 -13.99 0.38 -29.39
CA LEU B 216 -13.13 1.25 -28.60
C LEU B 216 -13.82 2.55 -28.20
N TYR B 217 -15.05 2.80 -28.66
CA TYR B 217 -15.73 4.05 -28.34
C TYR B 217 -15.94 4.19 -26.84
N SER B 218 -16.40 3.12 -26.18
CA SER B 218 -16.60 3.17 -24.74
C SER B 218 -15.29 3.39 -24.00
N GLU B 219 -14.17 2.94 -24.58
CA GLU B 219 -12.88 3.15 -23.94
C GLU B 219 -12.47 4.62 -24.00
N ILE B 220 -12.71 5.28 -25.12
CA ILE B 220 -12.41 6.71 -25.23
C ILE B 220 -13.27 7.50 -24.26
N ILE B 221 -14.55 7.14 -24.14
CA ILE B 221 -15.44 7.85 -23.23
C ILE B 221 -14.96 7.73 -21.79
N MET B 222 -14.50 6.53 -21.41
CA MET B 222 -14.05 6.34 -20.03
C MET B 222 -12.84 7.21 -19.73
N ASP B 223 -11.90 7.31 -20.67
CA ASP B 223 -10.74 8.19 -20.48
C ASP B 223 -11.14 9.65 -20.43
N ILE B 224 -12.16 10.05 -21.20
CA ILE B 224 -12.65 11.42 -21.13
C ILE B 224 -13.30 11.68 -19.77
N ILE B 225 -14.07 10.72 -19.27
CA ILE B 225 -14.67 10.88 -17.95
C ILE B 225 -13.60 10.99 -16.88
N THR B 226 -12.55 10.18 -16.99
CA THR B 226 -11.44 10.29 -16.05
C THR B 226 -10.81 11.68 -16.09
N ALA B 227 -10.59 12.20 -17.29
CA ALA B 227 -10.04 13.55 -17.42
C ALA B 227 -11.00 14.60 -16.88
N ALA B 228 -12.31 14.31 -16.89
CA ALA B 228 -13.31 15.27 -16.44
C ALA B 228 -13.46 15.30 -14.93
N LEU B 229 -13.15 14.19 -14.25
CA LEU B 229 -13.62 13.95 -12.90
C LEU B 229 -12.57 14.18 -11.82
N PHE B 230 -11.37 13.64 -11.98
CA PHE B 230 -10.47 13.48 -10.85
C PHE B 230 -9.54 14.68 -10.70
N ALA B 231 -9.23 15.00 -9.44
CA ALA B 231 -8.46 16.18 -9.07
C ALA B 231 -7.47 15.82 -7.95
N ASP B 232 -6.74 16.83 -7.49
CA ASP B 232 -5.67 16.68 -6.51
C ASP B 232 -6.09 17.29 -5.18
N GLY B 233 -5.62 16.70 -4.08
CA GLY B 233 -5.91 17.25 -2.78
C GLY B 233 -5.45 16.34 -1.67
N CYS B 234 -5.50 16.88 -0.45
CA CYS B 234 -5.08 16.15 0.73
C CYS B 234 -5.97 16.50 1.91
N GLY B 235 -6.34 15.48 2.68
CA GLY B 235 -7.04 15.69 3.93
C GLY B 235 -6.37 14.90 5.04
N ALA B 236 -6.55 15.38 6.27
CA ALA B 236 -5.99 14.72 7.43
C ALA B 236 -6.98 14.78 8.58
N VAL B 237 -6.89 13.79 9.48
CA VAL B 237 -7.80 13.69 10.60
C VAL B 237 -7.02 13.24 11.83
N LEU B 238 -7.32 13.86 12.97
CA LEU B 238 -6.75 13.47 14.25
C LEU B 238 -7.78 12.64 15.01
N MET B 239 -7.42 11.42 15.37
CA MET B 239 -8.30 10.51 16.09
C MET B 239 -7.60 10.03 17.36
N VAL B 240 -8.36 9.95 18.45
CA VAL B 240 -7.81 9.60 19.74
C VAL B 240 -8.71 8.56 20.41
N GLY B 241 -8.12 7.83 21.37
CA GLY B 241 -8.87 6.85 22.12
C GLY B 241 -9.77 7.49 23.16
N LYS B 242 -10.58 6.64 23.79
CA LYS B 242 -11.60 7.11 24.73
C LYS B 242 -10.99 7.81 25.95
N GLU B 243 -9.79 7.41 26.37
CA GLU B 243 -9.15 7.96 27.55
C GLU B 243 -8.19 9.10 27.25
N HIS B 244 -8.07 9.50 25.99
CA HIS B 244 -7.17 10.59 25.65
C HIS B 244 -7.73 11.92 26.18
N PRO B 245 -6.85 12.86 26.54
CA PRO B 245 -7.35 14.15 27.05
C PRO B 245 -8.26 14.89 26.09
N LEU B 246 -8.12 14.67 24.78
CA LEU B 246 -8.90 15.41 23.80
C LEU B 246 -10.24 14.78 23.48
N ALA B 247 -10.61 13.68 24.14
CA ALA B 247 -11.87 13.00 23.87
C ALA B 247 -12.97 13.70 24.66
N LYS B 248 -13.61 14.68 24.02
CA LYS B 248 -14.67 15.48 24.62
C LYS B 248 -16.02 15.17 23.98
N SER B 249 -17.09 15.45 24.75
CA SER B 249 -18.44 15.03 24.39
C SER B 249 -18.97 15.71 23.14
N GLY B 250 -18.37 16.83 22.70
CA GLY B 250 -18.88 17.46 21.50
C GLY B 250 -18.45 16.82 20.19
N LEU B 251 -17.55 15.84 20.25
CA LEU B 251 -16.88 15.32 19.08
C LEU B 251 -17.59 14.08 18.53
N PRO B 252 -17.46 13.82 17.23
CA PRO B 252 -18.03 12.58 16.68
C PRO B 252 -17.23 11.37 17.13
N GLN B 253 -17.94 10.33 17.52
CA GLN B 253 -17.31 9.07 17.94
C GLN B 253 -17.55 8.01 16.89
N VAL B 254 -16.50 7.26 16.55
CA VAL B 254 -16.63 6.09 15.69
C VAL B 254 -17.12 4.94 16.56
N ILE B 255 -18.38 4.54 16.37
CA ILE B 255 -18.94 3.49 17.20
C ILE B 255 -18.97 2.13 16.49
N ASP B 256 -18.94 2.11 15.17
CA ASP B 256 -18.85 0.85 14.43
C ASP B 256 -18.40 1.16 13.01
N ASN B 257 -17.94 0.12 12.31
CA ASN B 257 -17.61 0.24 10.90
C ASN B 257 -17.72 -1.12 10.24
N ARG B 258 -17.87 -1.13 8.92
CA ARG B 258 -18.03 -2.37 8.19
C ARG B 258 -17.55 -2.18 6.76
N SER B 259 -16.97 -3.26 6.22
CA SER B 259 -16.53 -3.32 4.84
C SER B 259 -17.42 -4.28 4.05
N PHE B 260 -17.42 -4.10 2.73
CA PHE B 260 -18.14 -4.99 1.84
C PHE B 260 -17.44 -5.01 0.50
N LEU B 261 -17.28 -6.20 -0.07
CA LEU B 261 -16.69 -6.36 -1.40
C LEU B 261 -17.67 -7.14 -2.28
N VAL B 262 -18.08 -6.52 -3.38
CA VAL B 262 -19.03 -7.17 -4.29
C VAL B 262 -18.27 -8.18 -5.15
N PRO B 263 -18.69 -9.44 -5.19
CA PRO B 263 -17.94 -10.45 -5.94
C PRO B 263 -17.84 -10.13 -7.42
N ASN B 264 -16.70 -10.51 -8.01
CA ASN B 264 -16.48 -10.50 -9.45
C ASN B 264 -16.73 -9.13 -10.08
N THR B 265 -16.15 -8.10 -9.45
CA THR B 265 -16.26 -6.73 -9.95
C THR B 265 -14.90 -6.04 -10.00
N VAL B 266 -13.81 -6.81 -10.01
CA VAL B 266 -12.47 -6.23 -9.98
C VAL B 266 -12.25 -5.33 -11.20
N GLU B 267 -12.71 -5.77 -12.37
CA GLU B 267 -12.49 -5.06 -13.62
C GLU B 267 -13.34 -3.79 -13.74
N LEU B 268 -14.28 -3.55 -12.82
CA LEU B 268 -15.15 -2.39 -12.94
C LEU B 268 -14.46 -1.09 -12.52
N MET B 269 -13.52 -1.15 -11.58
CA MET B 269 -12.88 0.09 -11.14
C MET B 269 -11.54 -0.23 -10.49
N GLY B 270 -10.54 0.59 -10.82
CA GLY B 270 -9.20 0.39 -10.32
C GLY B 270 -8.23 1.26 -11.10
N LEU B 271 -6.96 1.15 -10.74
CA LEU B 271 -5.88 1.85 -11.43
C LEU B 271 -4.87 0.84 -11.91
N ASP B 272 -4.73 0.73 -13.23
CA ASP B 272 -3.85 -0.25 -13.85
C ASP B 272 -2.57 0.41 -14.34
N VAL B 273 -1.47 -0.31 -14.20
CA VAL B 273 -0.19 0.09 -14.78
C VAL B 273 -0.13 -0.49 -16.18
N VAL B 274 0.06 0.38 -17.18
CA VAL B 274 0.01 -0.02 -18.58
C VAL B 274 1.22 0.55 -19.30
N ASP B 275 1.28 0.28 -20.61
CA ASP B 275 2.38 0.78 -21.43
C ASP B 275 2.39 2.30 -21.48
N ASN B 276 1.21 2.90 -21.60
CA ASN B 276 1.09 4.35 -21.66
C ASN B 276 1.25 5.04 -20.30
N GLY B 277 1.56 4.27 -19.25
CA GLY B 277 1.69 4.84 -17.92
C GLY B 277 0.69 4.22 -16.96
N PHE B 278 -0.18 5.06 -16.39
CA PHE B 278 -1.34 4.60 -15.66
C PHE B 278 -2.55 4.63 -16.58
N ARG B 279 -3.53 3.77 -16.29
CA ARG B 279 -4.85 3.95 -16.86
C ARG B 279 -5.88 3.80 -15.75
N ASN B 280 -6.66 4.85 -15.53
CA ASN B 280 -7.79 4.77 -14.63
C ASN B 280 -8.90 3.93 -15.23
N ILE B 281 -9.44 3.02 -14.42
CA ILE B 281 -10.55 2.17 -14.82
C ILE B 281 -11.80 2.62 -14.07
N LEU B 282 -12.83 2.99 -14.81
CA LEU B 282 -14.12 3.37 -14.22
C LEU B 282 -15.21 3.03 -15.23
N ARG B 283 -15.80 1.85 -15.08
CA ARG B 283 -16.79 1.38 -16.03
C ARG B 283 -18.19 1.88 -15.65
N PRO B 284 -19.05 2.09 -16.65
CA PRO B 284 -20.41 2.57 -16.35
C PRO B 284 -21.24 1.60 -15.51
N GLU B 285 -20.89 0.32 -15.47
CA GLU B 285 -21.61 -0.66 -14.66
C GLU B 285 -21.28 -0.57 -13.17
N VAL B 286 -20.44 0.39 -12.77
CA VAL B 286 -20.15 0.59 -11.36
C VAL B 286 -21.42 0.97 -10.60
N SER B 287 -22.23 1.86 -11.19
CA SER B 287 -23.43 2.34 -10.51
C SER B 287 -24.38 1.19 -10.18
N ASP B 288 -24.47 0.20 -11.06
CA ASP B 288 -25.36 -0.93 -10.82
C ASP B 288 -24.73 -1.98 -9.92
N ALA B 289 -23.40 -2.10 -9.91
CA ALA B 289 -22.75 -2.97 -8.95
C ALA B 289 -22.76 -2.36 -7.56
N LEU B 290 -22.75 -1.03 -7.47
CA LEU B 290 -22.86 -0.35 -6.19
C LEU B 290 -24.11 -0.79 -5.44
N LYS B 291 -25.23 -0.93 -6.16
CA LYS B 291 -26.48 -1.34 -5.53
C LYS B 291 -26.37 -2.72 -4.90
N GLN B 292 -25.54 -3.61 -5.47
CA GLN B 292 -25.42 -4.95 -4.93
C GLN B 292 -24.75 -4.96 -3.56
N GLY B 293 -24.01 -3.92 -3.20
CA GLY B 293 -23.28 -3.93 -1.95
C GLY B 293 -23.74 -2.88 -0.95
N LEU B 294 -24.29 -1.77 -1.45
CA LEU B 294 -24.58 -0.62 -0.59
C LEU B 294 -25.58 -0.97 0.49
N ARG B 295 -26.72 -1.52 0.11
CA ARG B 295 -27.78 -1.76 1.08
C ARG B 295 -27.46 -2.94 2.01
N PRO B 296 -26.93 -4.07 1.51
CA PRO B 296 -26.49 -5.10 2.47
C PRO B 296 -25.45 -4.59 3.45
N LEU B 297 -24.52 -3.75 3.01
CA LEU B 297 -23.52 -3.17 3.91
C LEU B 297 -24.17 -2.26 4.95
N ILE B 298 -24.96 -1.29 4.49
CA ILE B 298 -25.46 -0.26 5.39
C ILE B 298 -26.62 -0.77 6.24
N ASN B 299 -27.53 -1.55 5.64
CA ASN B 299 -28.64 -2.10 6.41
C ASN B 299 -28.14 -2.99 7.54
N GLY B 300 -27.14 -3.84 7.24
CA GLY B 300 -26.60 -4.70 8.26
C GLY B 300 -25.88 -3.94 9.36
N LEU B 301 -25.12 -2.91 8.99
CA LEU B 301 -24.42 -2.10 9.99
C LEU B 301 -25.42 -1.38 10.89
N LEU B 302 -26.44 -0.75 10.30
CA LEU B 302 -27.41 -0.01 11.09
C LEU B 302 -28.24 -0.92 11.98
N ALA B 303 -28.68 -2.06 11.44
CA ALA B 303 -29.52 -2.97 12.23
C ALA B 303 -28.75 -3.55 13.41
N ASP B 304 -27.48 -3.92 13.19
CA ASP B 304 -26.67 -4.47 14.27
C ASP B 304 -26.37 -3.44 15.36
N ASN B 305 -26.59 -2.16 15.10
CA ASN B 305 -26.48 -1.12 16.11
C ASN B 305 -27.84 -0.56 16.52
N ASN B 306 -28.93 -1.24 16.16
CA ASN B 306 -30.29 -0.83 16.52
C ASN B 306 -30.60 0.59 16.07
N ILE B 307 -30.18 0.93 14.84
CA ILE B 307 -30.42 2.23 14.23
C ILE B 307 -31.16 2.00 12.92
N GLU B 308 -32.20 2.79 12.69
CA GLU B 308 -32.86 2.83 11.38
C GLU B 308 -32.33 3.98 10.56
N SER B 309 -32.24 3.78 9.25
CA SER B 309 -31.60 4.77 8.37
C SER B 309 -32.35 6.09 8.37
N GLU B 310 -33.66 6.07 8.60
CA GLU B 310 -34.43 7.31 8.62
C GLU B 310 -34.06 8.19 9.81
N ASN B 311 -33.47 7.62 10.86
CA ASN B 311 -33.09 8.39 12.04
C ASN B 311 -31.66 8.91 11.97
N LEU B 312 -30.95 8.65 10.87
CA LEU B 312 -29.61 9.21 10.71
C LEU B 312 -29.70 10.73 10.56
N TYR B 313 -28.92 11.44 11.36
CA TYR B 313 -28.93 12.90 11.30
C TYR B 313 -28.13 13.44 10.11
N ARG B 314 -27.13 12.70 9.66
CA ARG B 314 -26.19 13.22 8.68
C ARG B 314 -25.56 12.08 7.88
N TRP B 315 -25.45 12.30 6.57
CA TRP B 315 -24.72 11.40 5.69
C TRP B 315 -23.49 12.10 5.15
N ILE B 316 -22.38 11.37 5.06
CA ILE B 316 -21.14 11.87 4.46
C ILE B 316 -20.73 10.83 3.43
N VAL B 317 -21.14 11.03 2.18
CA VAL B 317 -21.01 10.03 1.12
C VAL B 317 -20.00 10.51 0.10
N HIS B 318 -18.97 9.69 -0.14
CA HIS B 318 -17.97 10.04 -1.14
C HIS B 318 -18.63 10.22 -2.50
N PRO B 319 -18.41 11.35 -3.18
CA PRO B 319 -18.99 11.58 -4.52
C PRO B 319 -18.13 11.05 -5.65
N GLY B 320 -18.19 9.73 -5.85
CA GLY B 320 -17.53 9.14 -7.01
C GLY B 320 -18.00 9.76 -8.31
N GLY B 321 -19.26 10.17 -8.36
CA GLY B 321 -19.81 10.89 -9.48
C GLY B 321 -21.22 11.35 -9.14
N PRO B 322 -21.80 12.22 -9.98
CA PRO B 322 -23.21 12.60 -9.76
C PRO B 322 -24.16 11.42 -9.83
N LYS B 323 -23.87 10.44 -10.69
CA LYS B 323 -24.69 9.24 -10.78
C LYS B 323 -24.61 8.42 -9.49
N VAL B 324 -23.41 8.35 -8.90
CA VAL B 324 -23.25 7.63 -7.64
C VAL B 324 -24.09 8.29 -6.54
N ILE B 325 -24.07 9.62 -6.47
CA ILE B 325 -24.87 10.31 -5.47
C ILE B 325 -26.35 10.04 -5.68
N ASP B 326 -26.80 10.09 -6.94
CA ASP B 326 -28.20 9.77 -7.23
C ASP B 326 -28.55 8.35 -6.79
N THR B 327 -27.65 7.39 -7.07
CA THR B 327 -27.92 6.00 -6.72
C THR B 327 -28.05 5.82 -5.21
N VAL B 328 -27.16 6.44 -4.43
CA VAL B 328 -27.26 6.34 -2.97
C VAL B 328 -28.56 6.98 -2.51
N GLU B 329 -28.91 8.13 -3.08
CA GLU B 329 -30.14 8.81 -2.70
C GLU B 329 -31.36 7.94 -3.00
N ALA B 330 -31.38 7.30 -4.18
CA ALA B 330 -32.53 6.49 -4.57
C ALA B 330 -32.63 5.21 -3.76
N GLU B 331 -31.48 4.57 -3.49
CA GLU B 331 -31.48 3.28 -2.80
C GLU B 331 -32.06 3.40 -1.39
N PHE B 332 -31.77 4.50 -0.69
CA PHE B 332 -32.21 4.68 0.68
C PHE B 332 -33.38 5.64 0.80
N GLY B 333 -33.96 6.06 -0.32
CA GLY B 333 -35.11 6.96 -0.29
C GLY B 333 -34.83 8.28 0.41
N LEU B 334 -33.65 8.85 0.19
CA LEU B 334 -33.25 10.06 0.89
C LEU B 334 -33.86 11.29 0.25
N ASP B 335 -34.21 12.27 1.08
CA ASP B 335 -34.58 13.57 0.57
C ASP B 335 -33.40 14.19 -0.16
N SER B 336 -33.68 14.92 -1.23
CA SER B 336 -32.55 15.28 -2.09
C SER B 336 -31.65 16.40 -1.51
N GLN B 337 -31.76 16.87 -0.27
CA GLN B 337 -30.72 17.72 0.31
C GLN B 337 -29.86 16.97 1.31
N THR B 338 -30.17 15.70 1.56
CA THR B 338 -29.40 14.92 2.52
C THR B 338 -27.96 14.72 2.05
N LEU B 339 -27.77 14.55 0.74
CA LEU B 339 -26.44 14.39 0.16
C LEU B 339 -25.93 15.66 -0.50
N GLN B 340 -26.48 16.82 -0.14
CA GLN B 340 -26.06 18.07 -0.77
C GLN B 340 -24.58 18.33 -0.56
N LEU B 341 -24.03 17.90 0.58
CA LEU B 341 -22.60 18.07 0.81
C LEU B 341 -21.77 17.31 -0.21
N SER B 342 -22.26 16.15 -0.67
CA SER B 342 -21.56 15.42 -1.73
C SER B 342 -21.50 16.23 -3.02
N ARG B 343 -22.61 16.87 -3.38
CA ARG B 343 -22.66 17.66 -4.61
C ARG B 343 -21.84 18.95 -4.48
N ASP B 344 -21.95 19.64 -3.35
CA ASP B 344 -21.17 20.85 -3.16
C ASP B 344 -19.68 20.56 -3.19
N THR B 345 -19.25 19.47 -2.56
CA THR B 345 -17.84 19.10 -2.57
C THR B 345 -17.36 18.83 -3.99
N LEU B 346 -18.16 18.07 -4.75
CA LEU B 346 -17.78 17.78 -6.13
C LEU B 346 -17.62 19.07 -6.95
N ALA B 347 -18.52 20.04 -6.75
CA ALA B 347 -18.42 21.29 -7.48
C ALA B 347 -17.19 22.09 -7.07
N GLU B 348 -16.85 22.08 -5.77
CA GLU B 348 -15.78 22.92 -5.26
C GLU B 348 -14.40 22.40 -5.67
N VAL B 349 -14.16 21.09 -5.51
CA VAL B 349 -12.82 20.53 -5.68
C VAL B 349 -12.78 19.35 -6.64
N GLY B 350 -13.93 18.90 -7.14
CA GLY B 350 -13.93 17.70 -7.97
C GLY B 350 -13.76 16.45 -7.11
N ASN B 351 -13.50 15.34 -7.80
CA ASN B 351 -13.26 14.06 -7.14
C ASN B 351 -11.77 13.99 -6.80
N ILE B 352 -11.44 14.17 -5.52
CA ILE B 352 -10.05 14.10 -5.09
C ILE B 352 -9.79 12.75 -4.45
N SER B 353 -10.57 11.75 -4.85
CA SER B 353 -10.30 10.33 -4.55
C SER B 353 -10.32 10.14 -3.04
N SER B 354 -9.33 9.46 -2.45
CA SER B 354 -9.39 9.09 -1.04
C SER B 354 -9.52 10.31 -0.12
N ALA B 355 -9.01 11.47 -0.55
CA ALA B 355 -9.06 12.63 0.32
C ALA B 355 -10.44 13.26 0.43
N THR B 356 -11.39 12.89 -0.45
CA THR B 356 -12.65 13.63 -0.54
C THR B 356 -13.46 13.56 0.75
N VAL B 357 -13.64 12.36 1.31
CA VAL B 357 -14.46 12.25 2.52
C VAL B 357 -13.80 12.97 3.70
N LEU B 358 -12.47 13.08 3.71
CA LEU B 358 -11.82 13.84 4.76
C LEU B 358 -12.07 15.33 4.59
N TYR B 359 -12.06 15.80 3.34
CA TYR B 359 -12.46 17.18 3.06
C TYR B 359 -13.91 17.42 3.49
N MET B 360 -14.79 16.46 3.20
CA MET B 360 -16.20 16.61 3.58
C MET B 360 -16.36 16.58 5.10
N LEU B 361 -15.65 15.68 5.77
CA LEU B 361 -15.69 15.65 7.23
C LEU B 361 -15.18 16.96 7.81
N ASP B 362 -14.16 17.55 7.18
CA ASP B 362 -13.66 18.85 7.62
C ASP B 362 -14.75 19.92 7.50
N LYS B 363 -15.54 19.87 6.42
CA LYS B 363 -16.65 20.81 6.28
C LYS B 363 -17.67 20.62 7.38
N VAL B 364 -17.99 19.36 7.72
CA VAL B 364 -18.99 19.08 8.75
C VAL B 364 -18.55 19.63 10.09
N LEU B 365 -17.28 19.42 10.45
CA LEU B 365 -16.78 19.87 11.74
C LEU B 365 -16.75 21.40 11.86
N SER B 366 -16.93 22.12 10.77
CA SER B 366 -17.08 23.57 10.81
C SER B 366 -18.54 24.01 10.72
N GLU B 367 -19.47 23.08 10.51
CA GLU B 367 -20.88 23.37 10.64
C GLU B 367 -21.22 23.57 12.12
N GLU B 368 -22.48 23.91 12.40
CA GLU B 368 -22.85 24.11 13.79
C GLU B 368 -22.80 22.78 14.54
N GLN B 369 -22.66 22.89 15.86
CA GLN B 369 -22.57 21.72 16.74
C GLN B 369 -23.72 20.76 16.45
N SER B 370 -23.36 19.55 16.05
CA SER B 370 -24.37 18.53 15.80
C SER B 370 -25.15 18.26 17.08
N PRO B 371 -26.47 18.06 16.98
CA PRO B 371 -27.25 17.74 18.16
C PRO B 371 -26.68 16.52 18.86
N PRO B 372 -26.65 16.52 20.18
CA PRO B 372 -26.08 15.37 20.91
C PRO B 372 -26.88 14.10 20.63
N ASP B 373 -26.16 12.97 20.66
CA ASP B 373 -26.69 11.64 20.39
C ASP B 373 -27.17 11.46 18.96
N SER B 374 -26.97 12.46 18.09
CA SER B 374 -27.33 12.30 16.69
C SER B 374 -26.32 11.39 15.99
N TYR B 375 -26.81 10.63 15.01
CA TYR B 375 -26.03 9.60 14.35
C TYR B 375 -25.65 10.04 12.94
N GLY B 376 -24.45 9.66 12.51
CA GLY B 376 -23.99 9.98 11.19
C GLY B 376 -23.38 8.76 10.52
N LEU B 377 -23.31 8.82 9.19
CA LEU B 377 -22.78 7.73 8.38
C LEU B 377 -21.78 8.29 7.37
N ILE B 378 -20.58 7.71 7.35
CA ILE B 378 -19.62 7.94 6.28
C ILE B 378 -19.68 6.75 5.34
N VAL B 379 -19.84 7.02 4.04
CA VAL B 379 -19.96 5.97 3.03
C VAL B 379 -18.99 6.28 1.91
N ALA B 380 -18.17 5.29 1.54
CA ALA B 380 -17.23 5.44 0.42
C ALA B 380 -17.26 4.19 -0.44
N MET B 381 -16.89 4.36 -1.70
CA MET B 381 -16.84 3.26 -2.66
C MET B 381 -15.54 3.36 -3.44
N GLY B 382 -14.97 2.20 -3.78
CA GLY B 382 -13.71 2.17 -4.49
C GLY B 382 -13.41 0.84 -5.15
N PRO B 383 -12.17 0.72 -5.67
CA PRO B 383 -11.74 -0.54 -6.30
C PRO B 383 -11.95 -1.75 -5.42
N GLY B 384 -12.07 -2.94 -6.02
CA GLY B 384 -12.82 -3.97 -5.34
C GLY B 384 -13.63 -4.86 -6.26
N LEU B 385 -14.93 -4.65 -6.31
CA LEU B 385 -15.50 -3.36 -5.96
C LEU B 385 -15.91 -3.32 -4.49
N ALA B 386 -15.34 -2.38 -3.75
CA ALA B 386 -15.44 -2.36 -2.30
C ALA B 386 -16.16 -1.12 -1.81
N GLN B 387 -16.88 -1.27 -0.69
CA GLN B 387 -17.58 -0.17 -0.05
C GLN B 387 -17.27 -0.18 1.43
N GLU B 388 -17.22 1.00 2.03
CA GLU B 388 -16.87 1.16 3.43
C GLU B 388 -17.93 2.03 4.12
N ALA B 389 -18.35 1.62 5.31
CA ALA B 389 -19.37 2.35 6.05
C ALA B 389 -18.91 2.53 7.49
N ILE B 390 -19.02 3.76 7.99
CA ILE B 390 -18.62 4.10 9.35
C ILE B 390 -19.80 4.77 10.04
N LEU B 391 -20.16 4.24 11.21
CA LEU B 391 -21.25 4.81 12.00
C LEU B 391 -20.67 5.77 13.03
N LEU B 392 -21.14 7.01 13.00
CA LEU B 392 -20.70 8.06 13.91
C LEU B 392 -21.82 8.44 14.87
N LYS B 393 -21.43 8.92 16.05
CA LYS B 393 -22.39 9.41 17.03
C LYS B 393 -21.81 10.64 17.72
N TRP B 394 -22.56 11.73 17.73
CA TRP B 394 -22.13 12.96 18.39
C TRP B 394 -22.64 13.03 19.83
#